data_8KA2
#
_entry.id   8KA2
#
_cell.length_a   207.726
_cell.length_b   207.726
_cell.length_c   54.647
_cell.angle_alpha   90.00
_cell.angle_beta   90.00
_cell.angle_gamma   120.00
#
_symmetry.space_group_name_H-M   'P 6'
#
_entity_poly.entity_id   1
_entity_poly.type   'polypeptide(L)'
_entity_poly.pdbx_seq_one_letter_code
;GA(MSE)GEASHDSAESLVAARAEKVANLYRWLDTDNDVATDKYVPVPGFERVDVDVSDEVKQR(MSE)IQS(MSE)SGY
IEHTDNQVPKDQAEALATLFVESTLDYDWDKRVEFLTKLESYGYSFEAPHAEKSIVSFWSGKNFKQYRDILDNAQTDGKK
VVYDIDVKGNAFAIDLNKHL(MSE)RWGGLFLDPDNAEQNQLKSSIDAATFSNTGFWSSVYATGAQNDVYVIAEGGVRLG
NYFWNVELPALRQLQREGLVGEIRLLDKPVSEYKDLPADQIGRRLTDAGVAVKVRFDALSHERQAELLADNPDGYKADTL
VELDVKLSAIDS(MSE)LRESLPFYSLRTERNLLVQEGEEGFEVRSWPGIDGKSKTILLDNPEDAAQQKSIERFILANFD
NFEQ(MSE)PDELFLVDNKVLSHHDGRTRIIAQKEDGAWTYNT
;
_entity_poly.pdbx_strand_id   A,B
#
# COMPACT_ATOMS: atom_id res chain seq x y z
N SER A 13 32.61 -22.66 -8.82
CA SER A 13 31.19 -22.20 -8.83
C SER A 13 31.00 -21.12 -7.76
N LEU A 14 31.68 -19.99 -7.91
CA LEU A 14 31.61 -18.87 -6.96
C LEU A 14 30.44 -17.96 -7.35
N VAL A 15 29.89 -18.15 -8.55
CA VAL A 15 28.80 -17.31 -9.11
C VAL A 15 27.45 -17.90 -8.68
N ALA A 16 27.33 -19.22 -8.57
CA ALA A 16 26.07 -19.88 -8.19
C ALA A 16 25.64 -19.39 -6.80
N ALA A 17 26.58 -19.28 -5.85
CA ALA A 17 26.32 -18.92 -4.44
C ALA A 17 25.69 -17.54 -4.29
N ARG A 18 26.40 -16.50 -4.75
CA ARG A 18 25.95 -15.09 -4.69
C ARG A 18 24.74 -14.91 -5.60
N ALA A 19 24.89 -15.26 -6.88
CA ALA A 19 23.84 -15.14 -7.92
C ALA A 19 22.53 -15.69 -7.37
N GLU A 20 22.59 -16.80 -6.64
CA GLU A 20 21.42 -17.42 -5.99
C GLU A 20 20.77 -16.41 -5.05
N LYS A 21 21.60 -15.71 -4.28
CA LYS A 21 21.13 -14.73 -3.27
C LYS A 21 20.33 -13.64 -3.97
N VAL A 22 20.89 -13.06 -5.03
CA VAL A 22 20.34 -11.84 -5.67
C VAL A 22 19.08 -12.21 -6.47
N ALA A 23 19.14 -13.27 -7.26
CA ALA A 23 17.96 -13.76 -8.03
C ALA A 23 16.78 -13.91 -7.07
N ASN A 24 17.06 -14.24 -5.82
CA ASN A 24 16.03 -14.44 -4.77
C ASN A 24 15.21 -13.17 -4.63
N LEU A 25 15.89 -12.04 -4.42
CA LEU A 25 15.26 -10.72 -4.23
C LEU A 25 14.38 -10.43 -5.45
N TYR A 26 14.97 -10.50 -6.64
CA TYR A 26 14.29 -10.17 -7.92
C TYR A 26 13.01 -10.98 -8.03
N ARG A 27 13.05 -12.22 -7.56
CA ARG A 27 11.87 -13.11 -7.57
C ARG A 27 10.74 -12.44 -6.83
N TRP A 28 11.05 -11.96 -5.64
CA TRP A 28 10.10 -11.37 -4.67
C TRP A 28 9.58 -10.05 -5.20
N LEU A 29 10.48 -9.13 -5.52
CA LEU A 29 10.15 -7.73 -5.85
C LEU A 29 9.55 -7.66 -7.26
N ASP A 30 10.18 -8.33 -8.23
CA ASP A 30 9.72 -8.32 -9.65
C ASP A 30 8.29 -8.89 -9.74
N THR A 31 8.09 -9.98 -9.00
CA THR A 31 6.94 -10.90 -9.15
C THR A 31 5.65 -10.14 -8.81
N ASP A 32 5.77 -8.93 -8.24
CA ASP A 32 4.56 -8.20 -7.77
C ASP A 32 3.74 -7.73 -8.97
N ASN A 33 4.37 -7.47 -10.12
CA ASN A 33 3.63 -7.36 -11.41
C ASN A 33 4.42 -8.10 -12.50
N ASP A 34 4.56 -9.43 -12.26
CA ASP A 34 4.96 -10.52 -13.23
C ASP A 34 5.20 -11.81 -12.44
N ASP A 52 -0.96 -19.50 -24.92
CA ASP A 52 -0.47 -18.09 -24.89
C ASP A 52 0.75 -17.97 -25.80
N VAL A 53 1.95 -18.20 -25.25
CA VAL A 53 3.22 -18.18 -26.03
C VAL A 53 3.16 -19.33 -27.04
N SER A 54 3.61 -19.10 -28.27
CA SER A 54 3.69 -20.15 -29.31
C SER A 54 5.00 -20.92 -29.17
N ASP A 55 5.02 -22.14 -29.69
CA ASP A 55 6.19 -23.03 -29.70
C ASP A 55 6.87 -22.95 -31.06
N GLU A 56 6.09 -22.93 -32.14
CA GLU A 56 6.63 -22.80 -33.50
C GLU A 56 7.55 -21.60 -33.54
N VAL A 57 7.07 -20.43 -33.11
CA VAL A 57 7.85 -19.18 -33.17
C VAL A 57 9.05 -19.34 -32.24
N LYS A 58 8.84 -19.93 -31.08
CA LYS A 58 9.90 -20.07 -30.07
C LYS A 58 11.06 -20.85 -30.68
N GLN A 59 10.78 -21.93 -31.40
CA GLN A 59 11.87 -22.82 -31.87
C GLN A 59 12.63 -22.14 -33.03
N ARG A 60 12.00 -21.19 -33.74
CA ARG A 60 12.76 -20.33 -34.69
C ARG A 60 13.72 -19.43 -33.88
N MSE A 61 13.15 -18.76 -32.86
CA MSE A 61 13.90 -17.92 -31.93
C MSE A 61 15.10 -18.68 -31.40
O MSE A 61 16.25 -18.26 -31.53
CB MSE A 61 12.99 -17.57 -30.75
CG MSE A 61 13.41 -16.42 -29.90
SE MSE A 61 11.82 -15.59 -29.13
CE MSE A 61 11.49 -14.11 -30.30
N ILE A 62 14.78 -19.85 -30.84
CA ILE A 62 15.75 -20.72 -30.21
C ILE A 62 16.83 -21.07 -31.21
N GLN A 63 16.43 -21.33 -32.46
CA GLN A 63 17.34 -21.90 -33.48
C GLN A 63 18.30 -20.83 -34.00
N SER A 64 17.83 -19.60 -34.26
CA SER A 64 18.77 -18.47 -34.60
C SER A 64 19.67 -18.32 -33.38
N MSE A 65 19.04 -18.53 -32.22
CA MSE A 65 19.73 -18.55 -30.90
C MSE A 65 20.87 -19.57 -31.03
O MSE A 65 22.02 -19.22 -30.68
CB MSE A 65 20.23 -17.16 -30.50
CG MSE A 65 20.85 -17.10 -29.12
SE MSE A 65 21.52 -15.31 -28.70
CE MSE A 65 19.99 -14.11 -28.34
N SER A 66 20.55 -20.78 -31.50
CA SER A 66 21.58 -21.77 -31.72
C SER A 66 22.61 -21.30 -32.73
N GLY A 67 22.14 -20.62 -33.77
CA GLY A 67 22.95 -20.17 -34.92
C GLY A 67 23.94 -19.09 -34.53
N TYR A 68 23.54 -18.13 -33.70
CA TYR A 68 24.42 -17.01 -33.27
C TYR A 68 25.71 -17.58 -32.70
N ILE A 69 25.58 -18.52 -31.78
CA ILE A 69 26.69 -19.02 -30.92
C ILE A 69 27.46 -20.08 -31.70
N GLU A 70 26.73 -21.04 -32.28
CA GLU A 70 27.29 -22.19 -33.05
C GLU A 70 28.18 -21.67 -34.17
N HIS A 71 27.83 -20.54 -34.78
CA HIS A 71 28.55 -19.94 -35.92
C HIS A 71 28.95 -18.50 -35.58
N THR A 72 29.62 -18.36 -34.45
CA THR A 72 30.37 -17.16 -34.00
C THR A 72 31.53 -17.66 -33.14
N ASP A 73 32.61 -16.89 -33.02
CA ASP A 73 33.88 -17.38 -32.39
C ASP A 73 33.77 -17.25 -30.85
N ASN A 74 33.57 -18.39 -30.16
CA ASN A 74 33.57 -18.46 -28.66
C ASN A 74 33.57 -19.91 -28.17
N GLN A 75 33.64 -20.09 -26.85
CA GLN A 75 33.68 -21.41 -26.17
C GLN A 75 32.26 -21.95 -26.13
N VAL A 76 31.62 -22.04 -27.29
CA VAL A 76 30.25 -22.62 -27.45
C VAL A 76 30.40 -24.01 -28.09
N PRO A 77 30.30 -25.10 -27.30
CA PRO A 77 30.36 -26.46 -27.84
C PRO A 77 29.45 -26.49 -29.07
N LYS A 78 29.90 -27.08 -30.17
CA LYS A 78 29.10 -27.32 -31.39
C LYS A 78 27.93 -28.26 -31.04
N ASP A 79 27.93 -28.83 -29.83
CA ASP A 79 26.89 -29.78 -29.36
C ASP A 79 25.96 -29.06 -28.38
N GLN A 80 26.56 -28.30 -27.46
CA GLN A 80 25.87 -27.60 -26.35
C GLN A 80 25.76 -26.11 -26.68
N ALA A 81 25.75 -25.76 -27.96
CA ALA A 81 25.61 -24.37 -28.46
C ALA A 81 24.16 -24.12 -28.83
N GLU A 82 23.41 -25.18 -29.02
CA GLU A 82 21.95 -25.15 -29.20
C GLU A 82 21.31 -25.53 -27.87
N ALA A 83 22.16 -25.84 -26.89
CA ALA A 83 21.78 -26.17 -25.52
C ALA A 83 21.78 -24.90 -24.66
N LEU A 84 22.36 -23.82 -25.20
CA LEU A 84 22.49 -22.50 -24.51
C LEU A 84 21.48 -21.51 -25.06
N ALA A 85 21.19 -21.65 -26.34
CA ALA A 85 20.19 -20.82 -27.06
C ALA A 85 18.79 -21.40 -26.83
N THR A 86 18.69 -22.39 -25.95
CA THR A 86 17.42 -23.00 -25.48
C THR A 86 17.28 -22.75 -24.00
N LEU A 87 18.38 -22.85 -23.27
CA LEU A 87 18.46 -22.49 -21.86
C LEU A 87 18.37 -20.98 -21.72
N PHE A 88 19.21 -20.23 -22.44
CA PHE A 88 19.26 -18.76 -22.37
C PHE A 88 17.86 -18.21 -22.59
N VAL A 89 17.27 -18.49 -23.75
CA VAL A 89 15.97 -17.90 -24.20
C VAL A 89 14.87 -18.43 -23.28
N GLU A 90 14.92 -19.71 -22.93
CA GLU A 90 14.00 -20.33 -21.96
C GLU A 90 14.09 -19.58 -20.63
N SER A 91 15.29 -19.46 -20.07
CA SER A 91 15.56 -18.81 -18.76
C SER A 91 14.98 -17.40 -18.76
N THR A 92 15.27 -16.62 -19.80
CA THR A 92 14.91 -15.18 -19.88
C THR A 92 13.40 -15.00 -19.94
N LEU A 93 12.76 -15.57 -20.97
CA LEU A 93 11.35 -15.25 -21.33
C LEU A 93 10.39 -15.97 -20.40
N ASP A 94 10.80 -17.13 -19.87
CA ASP A 94 10.01 -17.89 -18.86
C ASP A 94 10.11 -17.19 -17.52
N TYR A 95 11.12 -16.35 -17.36
CA TYR A 95 11.52 -15.72 -16.08
C TYR A 95 11.78 -16.80 -15.03
N ASP A 96 12.26 -17.98 -15.46
CA ASP A 96 12.80 -19.01 -14.52
C ASP A 96 14.07 -18.48 -13.92
N TRP A 97 14.10 -18.27 -12.62
CA TRP A 97 15.30 -17.73 -11.93
C TRP A 97 16.29 -18.86 -11.65
N ASP A 98 15.83 -20.10 -11.68
CA ASP A 98 16.70 -21.27 -11.51
C ASP A 98 17.52 -21.46 -12.80
N LYS A 99 16.91 -21.19 -13.96
CA LYS A 99 17.58 -21.33 -15.28
C LYS A 99 18.47 -20.12 -15.55
N ARG A 100 18.34 -19.08 -14.74
CA ARG A 100 19.13 -17.84 -14.88
C ARG A 100 20.45 -18.02 -14.19
N VAL A 101 20.42 -18.67 -13.04
CA VAL A 101 21.63 -19.03 -12.26
C VAL A 101 22.29 -20.22 -12.95
N GLU A 102 21.47 -21.12 -13.49
CA GLU A 102 21.94 -22.29 -14.28
C GLU A 102 22.91 -21.80 -15.35
N PHE A 103 22.45 -20.86 -16.17
CA PHE A 103 23.15 -20.34 -17.37
C PHE A 103 24.27 -19.38 -16.96
N LEU A 104 24.16 -18.76 -15.78
CA LEU A 104 25.28 -17.99 -15.17
C LEU A 104 26.42 -18.94 -14.84
N THR A 105 26.10 -20.07 -14.20
CA THR A 105 27.09 -21.04 -13.66
C THR A 105 27.45 -22.06 -14.75
N LYS A 106 26.57 -22.27 -15.73
CA LYS A 106 26.90 -23.07 -16.94
C LYS A 106 27.93 -22.31 -17.76
N LEU A 107 27.94 -20.99 -17.65
CA LEU A 107 28.93 -20.11 -18.35
C LEU A 107 30.22 -20.08 -17.56
N GLU A 108 30.11 -20.31 -16.25
CA GLU A 108 31.24 -20.45 -15.31
C GLU A 108 31.91 -21.80 -15.49
N SER A 109 31.19 -22.73 -16.10
CA SER A 109 31.70 -24.08 -16.48
C SER A 109 32.36 -24.05 -17.85
N TYR A 110 32.67 -22.86 -18.35
CA TYR A 110 33.27 -22.65 -19.70
C TYR A 110 34.52 -21.75 -19.58
N GLY A 111 34.95 -21.49 -18.34
CA GLY A 111 36.15 -20.69 -18.03
C GLY A 111 35.81 -19.24 -17.83
N TYR A 112 34.54 -18.88 -18.00
CA TYR A 112 33.99 -17.50 -17.86
C TYR A 112 34.07 -17.07 -16.40
N SER A 113 34.08 -15.78 -16.15
CA SER A 113 34.18 -15.20 -14.80
C SER A 113 33.45 -13.86 -14.75
N PHE A 114 32.57 -13.69 -13.77
CA PHE A 114 31.82 -12.44 -13.52
C PHE A 114 32.09 -11.94 -12.11
N GLU A 115 33.25 -12.31 -11.57
CA GLU A 115 33.83 -11.74 -10.33
C GLU A 115 34.80 -10.64 -10.73
N ALA A 116 34.74 -9.44 -10.17
CA ALA A 116 35.67 -8.38 -10.63
C ALA A 116 36.99 -8.46 -9.88
N PRO A 117 38.07 -7.92 -10.49
CA PRO A 117 39.42 -8.03 -9.96
C PRO A 117 39.70 -7.00 -8.86
N HIS A 118 39.02 -7.14 -7.75
CA HIS A 118 39.16 -6.24 -6.56
C HIS A 118 38.84 -4.79 -7.02
N ALA A 119 39.78 -3.86 -6.91
CA ALA A 119 39.65 -2.47 -7.43
C ALA A 119 38.35 -1.83 -6.91
N GLU A 120 37.64 -1.10 -7.78
CA GLU A 120 36.33 -0.43 -7.48
C GLU A 120 35.40 -0.57 -8.70
N LYS A 121 34.18 -1.05 -8.47
CA LYS A 121 33.24 -1.43 -9.56
C LYS A 121 32.43 -0.21 -9.97
N SER A 122 32.04 -0.16 -11.25
CA SER A 122 31.26 0.93 -11.87
C SER A 122 30.16 0.34 -12.77
N ILE A 123 29.08 -0.13 -12.15
CA ILE A 123 27.86 -0.65 -12.82
C ILE A 123 27.06 0.52 -13.36
N VAL A 124 26.71 0.49 -14.63
CA VAL A 124 25.92 1.58 -15.25
C VAL A 124 24.71 0.98 -15.98
N SER A 125 24.40 -0.28 -15.75
CA SER A 125 23.68 -1.12 -16.76
C SER A 125 22.16 -1.11 -16.59
N PHE A 126 21.58 -0.35 -15.69
CA PHE A 126 20.09 -0.39 -15.58
C PHE A 126 19.50 0.39 -16.78
N TRP A 127 20.21 1.42 -17.18
CA TRP A 127 19.91 2.30 -18.33
C TRP A 127 21.03 2.21 -19.35
N SER A 128 20.80 2.79 -20.52
CA SER A 128 21.88 3.09 -21.47
C SER A 128 21.60 4.40 -22.18
N GLY A 129 22.51 5.35 -22.02
CA GLY A 129 22.45 6.69 -22.63
C GLY A 129 23.70 6.96 -23.42
N LYS A 130 23.76 8.05 -24.16
CA LYS A 130 24.89 8.33 -25.07
C LYS A 130 26.17 8.47 -24.25
N ASN A 131 26.14 9.25 -23.18
CA ASN A 131 27.34 9.66 -22.43
C ASN A 131 27.67 8.61 -21.38
N PHE A 132 28.08 7.41 -21.77
CA PHE A 132 28.48 6.38 -20.78
C PHE A 132 30.00 6.26 -20.74
N LYS A 133 30.64 6.25 -21.92
CA LYS A 133 32.12 6.29 -22.05
C LYS A 133 32.66 7.46 -21.24
N GLN A 134 32.02 8.61 -21.38
CA GLN A 134 32.46 9.92 -20.85
C GLN A 134 32.64 9.84 -19.33
N TYR A 135 31.75 9.10 -18.65
CA TYR A 135 31.78 8.95 -17.17
C TYR A 135 33.03 8.21 -16.76
N ARG A 136 33.47 7.26 -17.58
CA ARG A 136 34.67 6.45 -17.28
C ARG A 136 35.89 7.38 -17.32
N ASP A 137 36.07 8.09 -18.44
CA ASP A 137 37.18 9.04 -18.65
C ASP A 137 37.23 9.98 -17.45
N ILE A 138 36.10 10.60 -17.13
CA ILE A 138 35.94 11.47 -15.92
C ILE A 138 36.46 10.69 -14.71
N LEU A 139 35.97 9.47 -14.52
CA LEU A 139 36.08 8.73 -13.23
C LEU A 139 37.52 8.32 -12.96
N ASP A 140 38.18 7.67 -13.92
CA ASP A 140 39.54 7.10 -13.72
C ASP A 140 40.49 8.20 -13.25
N ASN A 141 40.65 9.27 -14.05
CA ASN A 141 41.48 10.46 -13.69
C ASN A 141 40.98 11.02 -12.37
N ALA A 142 39.68 10.95 -12.14
CA ALA A 142 39.03 11.45 -10.90
C ALA A 142 39.54 10.63 -9.72
N GLN A 143 39.57 9.31 -9.84
CA GLN A 143 40.16 8.41 -8.82
C GLN A 143 41.65 8.35 -9.05
N THR A 144 42.40 9.38 -8.69
CA THR A 144 43.87 9.33 -8.79
C THR A 144 44.40 8.52 -7.62
N ASP A 145 44.76 7.29 -7.93
CA ASP A 145 45.37 6.30 -7.03
C ASP A 145 46.60 5.80 -7.72
N GLY A 146 46.41 5.54 -9.01
CA GLY A 146 47.27 4.69 -9.84
C GLY A 146 46.46 3.54 -10.39
N LYS A 147 45.28 3.31 -9.79
CA LYS A 147 44.34 2.25 -10.18
C LYS A 147 43.11 2.86 -10.85
N LYS A 148 42.56 2.13 -11.83
CA LYS A 148 41.36 2.47 -12.62
C LYS A 148 40.16 1.67 -12.07
N VAL A 149 38.98 1.92 -12.64
CA VAL A 149 37.66 1.45 -12.12
C VAL A 149 37.18 0.27 -12.96
N VAL A 150 36.91 -0.88 -12.32
CA VAL A 150 36.37 -2.10 -12.98
C VAL A 150 34.97 -1.78 -13.50
N TYR A 151 34.62 -2.33 -14.67
CA TYR A 151 33.32 -2.17 -15.37
C TYR A 151 32.61 -3.52 -15.46
N ASP A 152 31.28 -3.54 -15.43
CA ASP A 152 30.48 -4.79 -15.52
C ASP A 152 30.56 -5.35 -16.95
N ILE A 153 30.68 -4.48 -17.97
CA ILE A 153 30.85 -4.94 -19.40
C ILE A 153 32.34 -5.03 -19.72
N ASP A 154 33.21 -4.95 -18.71
CA ASP A 154 34.67 -5.24 -18.85
C ASP A 154 34.94 -6.67 -18.38
N VAL A 155 33.93 -7.33 -17.84
CA VAL A 155 34.04 -8.69 -17.24
C VAL A 155 33.98 -9.73 -18.36
N LYS A 156 34.74 -10.80 -18.22
CA LYS A 156 34.86 -11.92 -19.21
C LYS A 156 33.50 -12.53 -19.60
N GLY A 157 32.78 -13.05 -18.61
CA GLY A 157 31.53 -13.82 -18.81
C GLY A 157 30.32 -12.91 -18.94
N ASN A 158 30.19 -11.93 -18.04
CA ASN A 158 29.13 -10.89 -18.08
C ASN A 158 29.02 -10.35 -19.49
N ALA A 159 30.15 -10.17 -20.17
CA ALA A 159 30.25 -9.48 -21.47
C ALA A 159 29.77 -10.41 -22.58
N PHE A 160 29.90 -11.73 -22.39
CA PHE A 160 29.30 -12.74 -23.29
C PHE A 160 27.80 -12.65 -23.22
N ALA A 161 27.29 -12.76 -22.01
CA ALA A 161 25.86 -12.86 -21.69
C ALA A 161 25.13 -11.71 -22.34
N ILE A 162 25.58 -10.49 -22.08
CA ILE A 162 24.95 -9.24 -22.59
C ILE A 162 24.91 -9.29 -24.11
N ASP A 163 25.95 -9.84 -24.74
CA ASP A 163 26.03 -9.98 -26.21
C ASP A 163 24.96 -10.97 -26.68
N LEU A 164 24.75 -12.05 -25.92
CA LEU A 164 23.66 -13.03 -26.19
C LEU A 164 22.30 -12.32 -26.04
N ASN A 165 22.10 -11.61 -24.92
CA ASN A 165 20.91 -10.76 -24.65
C ASN A 165 20.61 -9.92 -25.88
N LYS A 166 21.61 -9.18 -26.37
CA LYS A 166 21.45 -8.16 -27.43
C LYS A 166 21.05 -8.84 -28.73
N HIS A 167 21.50 -10.07 -28.98
CA HIS A 167 21.11 -10.81 -30.20
C HIS A 167 19.62 -11.08 -30.16
N LEU A 168 19.08 -11.48 -29.01
CA LEU A 168 17.62 -11.60 -28.82
C LEU A 168 17.00 -10.26 -29.14
N MSE A 169 17.60 -9.22 -28.55
CA MSE A 169 17.22 -7.80 -28.79
C MSE A 169 17.24 -7.56 -30.31
O MSE A 169 16.20 -7.11 -30.84
CB MSE A 169 15.85 -7.50 -28.18
CG MSE A 169 15.52 -6.02 -28.12
SE MSE A 169 15.77 -5.30 -26.30
CE MSE A 169 17.69 -5.07 -25.95
N ARG A 170 18.38 -7.83 -30.96
CA ARG A 170 18.45 -7.68 -32.40
C ARG A 170 17.34 -8.51 -33.03
N TRP A 171 17.25 -9.80 -32.67
CA TRP A 171 16.16 -10.69 -33.12
C TRP A 171 14.82 -10.06 -32.79
N GLY A 172 14.76 -9.29 -31.70
CA GLY A 172 13.53 -8.74 -31.15
C GLY A 172 12.83 -7.84 -32.13
N GLY A 173 13.48 -6.75 -32.54
CA GLY A 173 12.84 -5.66 -33.29
C GLY A 173 12.94 -5.86 -34.79
N LEU A 174 13.35 -7.04 -35.23
CA LEU A 174 13.64 -7.32 -36.66
C LEU A 174 12.63 -8.32 -37.24
N PHE A 175 12.31 -9.39 -36.52
CA PHE A 175 11.46 -10.50 -37.03
C PHE A 175 10.08 -10.46 -36.35
N LEU A 176 9.66 -9.28 -35.88
CA LEU A 176 8.34 -9.06 -35.22
C LEU A 176 7.77 -7.69 -35.66
N ASP A 177 6.50 -7.66 -36.14
CA ASP A 177 5.86 -6.44 -36.70
C ASP A 177 4.85 -5.84 -35.71
N PRO A 178 4.96 -4.51 -35.42
CA PRO A 178 4.12 -3.82 -34.42
C PRO A 178 2.60 -3.80 -34.68
N ASP A 179 2.18 -4.07 -35.91
CA ASP A 179 0.75 -4.00 -36.31
C ASP A 179 0.29 -5.34 -36.90
N ASN A 180 0.76 -6.46 -36.36
CA ASN A 180 0.15 -7.80 -36.64
C ASN A 180 -0.02 -8.54 -35.31
N ALA A 181 -0.95 -8.01 -34.48
CA ALA A 181 -1.57 -8.64 -33.28
C ALA A 181 -0.51 -9.02 -32.26
N GLU A 182 -0.58 -10.26 -31.79
CA GLU A 182 0.29 -10.81 -30.71
C GLU A 182 1.64 -11.15 -31.34
N GLN A 183 2.23 -10.17 -32.00
CA GLN A 183 3.63 -10.21 -32.49
C GLN A 183 4.41 -9.05 -31.87
N ASN A 184 3.72 -7.92 -31.66
CA ASN A 184 4.23 -6.76 -30.89
C ASN A 184 4.26 -7.14 -29.41
N GLN A 185 3.38 -8.02 -29.00
CA GLN A 185 3.28 -8.50 -27.61
C GLN A 185 4.51 -9.33 -27.28
N LEU A 186 5.06 -10.04 -28.28
CA LEU A 186 6.28 -10.84 -28.09
C LEU A 186 7.48 -9.90 -27.95
N LYS A 187 7.54 -8.84 -28.76
CA LYS A 187 8.67 -7.87 -28.73
C LYS A 187 8.69 -7.18 -27.37
N SER A 188 7.56 -6.66 -26.93
CA SER A 188 7.40 -5.94 -25.64
C SER A 188 7.83 -6.83 -24.48
N SER A 189 7.88 -8.15 -24.70
CA SER A 189 8.20 -9.17 -23.67
C SER A 189 9.66 -9.58 -23.78
N ILE A 190 10.26 -9.40 -24.94
CA ILE A 190 11.72 -9.66 -25.17
C ILE A 190 12.51 -8.48 -24.62
N ASP A 191 11.92 -7.29 -24.64
CA ASP A 191 12.54 -6.04 -24.14
C ASP A 191 12.49 -6.04 -22.63
N ALA A 192 11.48 -6.71 -22.07
CA ALA A 192 11.10 -6.62 -20.65
C ALA A 192 11.83 -7.71 -19.88
N ALA A 193 12.21 -8.77 -20.57
CA ALA A 193 12.98 -9.92 -20.05
C ALA A 193 14.46 -9.56 -20.06
N THR A 194 14.93 -9.13 -21.20
CA THR A 194 16.33 -8.79 -21.49
C THR A 194 16.76 -7.65 -20.56
N PHE A 195 15.85 -6.74 -20.22
CA PHE A 195 16.09 -5.68 -19.22
C PHE A 195 16.19 -6.32 -17.83
N SER A 196 15.31 -7.27 -17.50
CA SER A 196 15.36 -8.05 -16.23
C SER A 196 16.72 -8.71 -16.12
N ASN A 197 17.15 -9.33 -17.22
CA ASN A 197 18.44 -10.05 -17.33
C ASN A 197 19.58 -9.11 -16.95
N THR A 198 19.72 -7.99 -17.65
CA THR A 198 20.88 -7.09 -17.53
C THR A 198 20.99 -6.62 -16.08
N GLY A 199 19.88 -6.19 -15.50
CA GLY A 199 19.82 -5.67 -14.12
C GLY A 199 20.15 -6.75 -13.11
N PHE A 200 19.74 -7.97 -13.40
CA PHE A 200 20.12 -9.18 -12.64
C PHE A 200 21.64 -9.32 -12.63
N TRP A 201 22.22 -9.39 -13.83
CA TRP A 201 23.67 -9.65 -14.02
C TRP A 201 24.47 -8.55 -13.34
N SER A 202 24.04 -7.30 -13.46
CA SER A 202 24.72 -6.13 -12.86
C SER A 202 24.75 -6.30 -11.35
N SER A 203 23.65 -6.76 -10.75
CA SER A 203 23.56 -6.99 -9.29
C SER A 203 24.52 -8.11 -8.87
N VAL A 204 24.57 -9.23 -9.61
CA VAL A 204 25.45 -10.40 -9.22
C VAL A 204 26.90 -10.01 -9.44
N TYR A 205 27.19 -9.25 -10.49
CA TYR A 205 28.53 -8.67 -10.73
C TYR A 205 28.92 -7.83 -9.51
N ALA A 206 28.03 -6.92 -9.10
CA ALA A 206 28.23 -5.92 -8.02
C ALA A 206 28.41 -6.63 -6.69
N THR A 207 27.68 -7.73 -6.50
CA THR A 207 27.76 -8.61 -5.31
C THR A 207 29.18 -9.17 -5.21
N GLY A 208 29.78 -9.50 -6.36
CA GLY A 208 31.21 -9.83 -6.49
C GLY A 208 32.08 -8.63 -6.15
N ALA A 209 33.23 -8.91 -5.50
CA ALA A 209 34.24 -7.92 -4.97
C ALA A 209 33.68 -7.20 -3.71
N GLN A 210 32.51 -6.55 -3.85
CA GLN A 210 31.78 -5.75 -2.79
C GLN A 210 32.38 -4.35 -2.67
N ASN A 211 33.47 -4.08 -3.38
CA ASN A 211 34.10 -2.74 -3.39
C ASN A 211 33.14 -1.77 -4.13
N ASP A 212 32.91 -0.61 -3.53
CA ASP A 212 31.73 0.29 -3.76
C ASP A 212 31.50 0.59 -5.26
N VAL A 213 30.20 0.60 -5.61
CA VAL A 213 29.64 0.63 -7.00
C VAL A 213 29.33 2.08 -7.35
N TYR A 214 29.18 2.37 -8.63
CA TYR A 214 28.74 3.67 -9.18
C TYR A 214 27.67 3.44 -10.24
N VAL A 215 26.45 3.17 -9.83
CA VAL A 215 25.30 3.11 -10.78
C VAL A 215 25.23 4.47 -11.45
N ILE A 216 25.15 4.51 -12.77
CA ILE A 216 24.96 5.78 -13.50
C ILE A 216 23.66 5.71 -14.29
N ALA A 217 22.60 6.26 -13.68
CA ALA A 217 21.29 6.57 -14.29
C ALA A 217 21.43 7.82 -15.17
N GLU A 218 20.92 7.77 -16.40
CA GLU A 218 21.22 8.79 -17.46
C GLU A 218 20.30 10.00 -17.34
N GLY A 219 19.02 9.80 -17.69
CA GLY A 219 18.01 10.86 -17.64
C GLY A 219 17.79 11.34 -16.23
N GLY A 220 18.03 10.47 -15.27
CA GLY A 220 17.67 10.70 -13.87
C GLY A 220 16.71 9.67 -13.41
N VAL A 221 16.96 9.08 -12.26
CA VAL A 221 16.13 7.98 -11.72
C VAL A 221 14.76 8.69 -11.81
N ARG A 222 13.82 8.07 -12.58
CA ARG A 222 12.35 8.33 -12.51
C ARG A 222 11.68 7.22 -11.74
N LEU A 223 10.38 7.33 -11.56
CA LEU A 223 9.56 6.38 -10.79
C LEU A 223 8.58 5.69 -11.72
N GLY A 224 8.14 4.49 -11.34
CA GLY A 224 7.08 3.73 -12.04
C GLY A 224 7.65 2.72 -13.01
N ASN A 225 8.97 2.65 -13.12
CA ASN A 225 9.67 1.77 -14.08
C ASN A 225 10.31 0.62 -13.33
N TYR A 226 10.80 -0.37 -14.06
CA TYR A 226 11.37 -1.63 -13.51
C TYR A 226 12.45 -1.27 -12.50
N PHE A 227 13.43 -0.48 -12.93
CA PHE A 227 14.60 -0.07 -12.13
C PHE A 227 14.13 0.37 -10.74
N TRP A 228 13.03 1.08 -10.69
CA TRP A 228 12.56 1.77 -9.47
C TRP A 228 11.89 0.76 -8.53
N ASN A 229 10.94 -0.04 -9.03
CA ASN A 229 10.15 -0.99 -8.20
C ASN A 229 11.03 -2.19 -7.84
N VAL A 230 11.79 -2.70 -8.79
CA VAL A 230 12.50 -3.99 -8.64
C VAL A 230 13.98 -3.72 -8.36
N GLU A 231 14.63 -2.99 -9.26
CA GLU A 231 16.10 -3.00 -9.40
C GLU A 231 16.75 -2.20 -8.26
N LEU A 232 16.18 -1.06 -7.88
CA LEU A 232 16.78 -0.17 -6.86
C LEU A 232 16.68 -0.85 -5.49
N PRO A 233 15.49 -1.40 -5.10
CA PRO A 233 15.32 -2.17 -3.85
C PRO A 233 16.29 -3.35 -3.71
N ALA A 234 16.51 -4.07 -4.79
CA ALA A 234 17.56 -5.11 -4.89
C ALA A 234 18.88 -4.56 -4.37
N LEU A 235 19.37 -3.49 -4.98
CA LEU A 235 20.70 -2.91 -4.65
C LEU A 235 20.76 -2.58 -3.18
N ARG A 236 19.82 -1.80 -2.67
CA ARG A 236 19.83 -1.36 -1.25
C ARG A 236 19.52 -2.51 -0.31
N GLN A 237 18.67 -3.43 -0.72
CA GLN A 237 18.36 -4.65 0.07
C GLN A 237 19.58 -5.54 0.08
N LEU A 238 20.30 -5.60 -1.03
CA LEU A 238 21.59 -6.31 -1.15
C LEU A 238 22.60 -5.64 -0.24
N GLN A 239 22.73 -4.32 -0.38
CA GLN A 239 23.74 -3.50 0.33
C GLN A 239 23.57 -3.66 1.84
N ARG A 240 22.34 -3.60 2.31
CA ARG A 240 21.99 -3.69 3.75
C ARG A 240 22.51 -5.00 4.29
N GLU A 241 22.38 -6.07 3.51
CA GLU A 241 22.76 -7.44 3.89
C GLU A 241 24.28 -7.59 3.79
N GLY A 242 24.98 -6.49 3.51
CA GLY A 242 26.46 -6.41 3.52
C GLY A 242 27.07 -6.79 2.17
N LEU A 243 26.28 -7.44 1.31
CA LEU A 243 26.72 -8.02 -0.01
C LEU A 243 27.57 -7.00 -0.78
N VAL A 244 26.98 -5.83 -1.02
CA VAL A 244 27.62 -4.69 -1.73
C VAL A 244 27.65 -3.51 -0.76
N GLY A 245 28.32 -2.41 -1.10
CA GLY A 245 28.47 -1.26 -0.20
C GLY A 245 28.81 0.03 -0.93
N GLU A 246 28.46 1.16 -0.32
CA GLU A 246 28.78 2.55 -0.79
C GLU A 246 28.37 2.72 -2.25
N ILE A 247 27.08 2.55 -2.55
CA ILE A 247 26.51 2.81 -3.90
C ILE A 247 26.34 4.32 -4.06
N ARG A 248 26.83 4.88 -5.16
CA ARG A 248 26.67 6.30 -5.52
C ARG A 248 25.98 6.39 -6.89
N LEU A 249 24.98 7.26 -7.01
CA LEU A 249 24.13 7.37 -8.23
C LEU A 249 24.48 8.66 -8.98
N LEU A 250 24.77 8.51 -10.27
CA LEU A 250 25.10 9.63 -11.19
C LEU A 250 23.87 9.96 -12.03
N ASP A 251 23.13 11.01 -11.67
CA ASP A 251 21.88 11.41 -12.37
C ASP A 251 22.09 12.76 -13.07
N LYS A 252 22.87 13.65 -12.46
CA LYS A 252 23.17 14.99 -13.03
C LYS A 252 24.00 14.82 -14.30
N PRO A 253 23.84 15.70 -15.32
CA PRO A 253 24.61 15.59 -16.56
C PRO A 253 26.12 15.51 -16.28
N VAL A 254 26.84 14.78 -17.12
CA VAL A 254 28.32 14.55 -17.03
C VAL A 254 29.09 15.82 -16.75
N SER A 255 28.66 16.93 -17.37
CA SER A 255 29.32 18.26 -17.21
C SER A 255 29.48 18.54 -15.73
N GLU A 256 28.45 18.21 -14.96
CA GLU A 256 28.36 18.51 -13.51
C GLU A 256 29.57 17.92 -12.77
N TYR A 257 30.09 16.75 -13.18
CA TYR A 257 31.12 15.99 -12.38
C TYR A 257 32.52 16.47 -12.81
N LYS A 258 32.94 16.16 -14.03
CA LYS A 258 34.27 16.60 -14.57
C LYS A 258 35.32 16.41 -13.46
N ASP A 259 35.96 17.45 -12.95
CA ASP A 259 36.87 17.24 -11.78
C ASP A 259 36.51 18.20 -10.64
N LEU A 260 36.09 17.60 -9.54
CA LEU A 260 35.91 18.24 -8.21
C LEU A 260 36.21 17.16 -7.13
N PRO A 261 36.19 17.53 -5.80
CA PRO A 261 36.38 16.52 -4.75
C PRO A 261 35.42 15.35 -4.98
N ALA A 262 35.86 14.13 -4.68
CA ALA A 262 35.10 12.87 -4.91
C ALA A 262 33.69 12.98 -4.35
N ASP A 263 33.47 13.73 -3.26
CA ASP A 263 32.13 13.78 -2.60
C ASP A 263 31.09 14.38 -3.55
N GLN A 264 31.47 15.36 -4.39
CA GLN A 264 30.50 16.00 -5.32
C GLN A 264 30.20 15.04 -6.50
N ILE A 265 30.91 13.91 -6.56
CA ILE A 265 30.71 12.83 -7.58
C ILE A 265 29.71 11.82 -7.03
N GLY A 266 28.52 11.78 -7.63
CA GLY A 266 27.46 10.81 -7.31
C GLY A 266 26.69 11.21 -6.07
N ARG A 267 25.38 10.96 -6.08
CA ARG A 267 24.51 11.06 -4.89
C ARG A 267 24.56 9.73 -4.13
N ARG A 268 25.22 9.72 -2.97
CA ARG A 268 25.30 8.50 -2.14
C ARG A 268 23.90 8.10 -1.72
N LEU A 269 23.58 6.83 -1.79
CA LEU A 269 22.23 6.33 -1.44
C LEU A 269 21.94 6.67 0.02
N THR A 270 22.91 6.47 0.90
CA THR A 270 22.75 6.52 2.38
C THR A 270 22.44 7.96 2.83
N ASP A 271 23.04 8.97 2.20
CA ASP A 271 22.76 10.41 2.48
C ASP A 271 21.32 10.71 2.09
N ALA A 272 20.55 11.33 2.98
CA ALA A 272 19.17 11.82 2.71
C ALA A 272 18.34 10.67 2.08
N GLY A 273 17.80 10.91 0.86
CA GLY A 273 16.91 9.98 0.13
C GLY A 273 17.36 9.79 -1.30
N VAL A 274 16.42 9.52 -2.21
CA VAL A 274 16.73 9.25 -3.65
C VAL A 274 16.19 10.39 -4.49
N ALA A 275 17.07 11.00 -5.26
CA ALA A 275 16.79 12.14 -6.13
C ALA A 275 16.16 11.64 -7.43
N VAL A 276 14.83 11.60 -7.46
CA VAL A 276 14.04 11.14 -8.64
C VAL A 276 13.57 12.36 -9.40
N LYS A 277 13.02 12.14 -10.58
CA LYS A 277 12.46 13.19 -11.45
C LYS A 277 11.04 12.81 -11.86
N VAL A 278 10.07 13.61 -11.48
CA VAL A 278 8.67 13.53 -11.96
C VAL A 278 8.48 14.57 -13.04
N ARG A 279 7.30 14.63 -13.60
CA ARG A 279 6.91 15.65 -14.57
C ARG A 279 5.88 16.56 -13.86
N PHE A 280 5.91 17.85 -14.19
CA PHE A 280 4.98 18.89 -13.69
C PHE A 280 3.56 18.37 -13.77
N ASP A 281 3.25 17.72 -14.87
CA ASP A 281 1.90 17.17 -15.19
C ASP A 281 1.44 16.33 -14.01
N ALA A 282 2.28 15.38 -13.61
CA ALA A 282 1.95 14.30 -12.65
C ALA A 282 2.20 14.78 -11.22
N LEU A 283 2.54 16.06 -11.08
CA LEU A 283 2.79 16.72 -9.77
C LEU A 283 1.45 17.14 -9.16
N SER A 284 1.50 17.70 -7.96
CA SER A 284 0.33 18.14 -7.16
C SER A 284 -0.32 19.36 -7.81
N HIS A 285 -1.50 19.76 -7.32
CA HIS A 285 -2.26 20.93 -7.83
C HIS A 285 -1.85 22.18 -7.06
N GLU A 286 -1.67 22.04 -5.75
CA GLU A 286 -1.25 23.14 -4.84
C GLU A 286 0.26 23.30 -4.91
N ARG A 287 0.95 22.32 -5.48
CA ARG A 287 2.43 22.32 -5.59
C ARG A 287 2.85 22.74 -6.98
N GLN A 288 1.93 22.77 -7.93
CA GLN A 288 2.15 23.43 -9.22
C GLN A 288 2.08 24.94 -9.01
N ALA A 289 1.02 25.39 -8.35
CA ALA A 289 0.79 26.81 -7.99
C ALA A 289 2.03 27.38 -7.29
N GLU A 290 2.48 26.72 -6.22
CA GLU A 290 3.71 27.12 -5.46
C GLU A 290 4.87 27.27 -6.44
N LEU A 291 4.98 26.31 -7.35
CA LEU A 291 6.10 26.18 -8.30
C LEU A 291 6.04 27.30 -9.31
N LEU A 292 4.86 27.85 -9.55
CA LEU A 292 4.67 28.93 -10.54
C LEU A 292 4.66 30.27 -9.83
N ALA A 293 4.63 30.29 -8.50
CA ALA A 293 4.81 31.53 -7.73
C ALA A 293 6.23 32.03 -7.97
N ASP A 294 7.20 31.14 -7.85
CA ASP A 294 8.63 31.35 -8.24
C ASP A 294 8.76 31.02 -9.73
N ASN A 295 9.50 31.83 -10.49
CA ASN A 295 9.77 31.55 -11.94
C ASN A 295 8.44 31.24 -12.66
N PRO A 296 7.50 32.20 -12.73
CA PRO A 296 6.09 31.91 -13.09
C PRO A 296 5.73 31.32 -14.45
N ASP A 297 6.55 31.45 -15.47
CA ASP A 297 6.34 30.69 -16.72
C ASP A 297 7.68 30.09 -17.13
N GLY A 298 8.15 29.15 -16.32
CA GLY A 298 9.32 28.31 -16.61
C GLY A 298 8.93 26.84 -16.61
N TYR A 299 7.72 26.56 -16.15
CA TYR A 299 7.16 25.20 -15.99
C TYR A 299 6.01 25.01 -16.97
N LYS A 300 6.08 23.95 -17.76
CA LYS A 300 5.02 23.50 -18.67
C LYS A 300 4.59 22.09 -18.29
N ALA A 301 3.61 21.53 -19.00
CA ALA A 301 3.08 20.17 -18.73
C ALA A 301 4.23 19.16 -18.75
N ASP A 302 5.08 19.19 -19.78
CA ASP A 302 6.11 18.15 -20.06
C ASP A 302 7.32 18.36 -19.16
N THR A 303 7.43 19.51 -18.51
CA THR A 303 8.67 19.93 -17.81
C THR A 303 8.93 18.96 -16.66
N LEU A 304 10.20 18.58 -16.47
CA LEU A 304 10.62 17.56 -15.48
C LEU A 304 11.13 18.26 -14.22
N VAL A 305 10.64 17.81 -13.07
CA VAL A 305 10.90 18.38 -11.74
C VAL A 305 11.46 17.29 -10.85
N GLU A 306 12.58 17.55 -10.19
CA GLU A 306 13.29 16.56 -9.34
C GLU A 306 12.88 16.78 -7.90
N LEU A 307 12.59 15.71 -7.18
CA LEU A 307 12.15 15.75 -5.77
C LEU A 307 12.70 14.53 -5.05
N ASP A 308 13.37 14.74 -3.93
CA ASP A 308 13.99 13.65 -3.15
C ASP A 308 12.89 12.75 -2.59
N VAL A 309 12.95 11.47 -2.91
CA VAL A 309 12.20 10.38 -2.23
C VAL A 309 12.95 10.06 -0.96
N LYS A 310 12.28 9.98 0.18
CA LYS A 310 12.97 9.63 1.46
C LYS A 310 13.59 8.25 1.29
N LEU A 311 14.77 8.02 1.82
CA LEU A 311 15.41 6.68 1.73
C LEU A 311 14.79 5.77 2.80
N SER A 312 14.06 6.35 3.73
CA SER A 312 13.29 5.65 4.79
C SER A 312 12.18 4.81 4.15
N ALA A 313 11.57 5.33 3.09
CA ALA A 313 10.38 4.75 2.43
C ALA A 313 10.78 3.50 1.66
N ILE A 314 11.94 3.54 1.02
CA ILE A 314 12.49 2.44 0.17
C ILE A 314 12.74 1.22 1.05
N ASP A 315 13.43 1.43 2.17
CA ASP A 315 13.75 0.37 3.16
C ASP A 315 12.45 -0.33 3.59
N SER A 316 11.40 0.44 3.86
CA SER A 316 10.17 -0.01 4.54
C SER A 316 9.35 -0.90 3.61
N MSE A 317 9.34 -0.61 2.30
CA MSE A 317 8.60 -1.44 1.35
C MSE A 317 9.40 -2.70 1.05
O MSE A 317 8.91 -3.61 0.37
CB MSE A 317 8.35 -0.68 0.04
CG MSE A 317 9.60 -0.45 -0.80
SE MSE A 317 9.95 -1.93 -2.11
CE MSE A 317 8.94 -1.67 -3.76
N LEU A 318 10.65 -2.69 1.45
CA LEU A 318 11.55 -3.76 1.14
C LEU A 318 11.36 -4.87 2.16
N ARG A 319 11.19 -4.49 3.42
CA ARG A 319 11.08 -5.41 4.57
C ARG A 319 9.61 -5.84 4.69
N GLU A 320 8.76 -5.44 3.73
CA GLU A 320 7.35 -5.90 3.59
C GLU A 320 7.14 -6.49 2.19
N SER A 321 8.07 -6.28 1.28
CA SER A 321 8.08 -6.88 -0.07
C SER A 321 8.66 -8.31 0.03
N LEU A 322 9.26 -8.66 1.18
CA LEU A 322 10.07 -9.91 1.37
C LEU A 322 9.54 -10.71 2.59
N PRO A 323 8.72 -11.79 2.36
CA PRO A 323 8.30 -12.73 3.42
C PRO A 323 9.45 -13.51 4.06
N PHE A 324 9.35 -13.79 5.36
CA PHE A 324 10.41 -14.45 6.18
C PHE A 324 11.73 -13.73 5.97
N TYR A 325 11.72 -12.45 6.27
CA TYR A 325 12.79 -11.48 5.96
C TYR A 325 13.99 -11.72 6.88
N SER A 326 13.71 -12.31 8.05
CA SER A 326 14.71 -12.57 9.12
C SER A 326 15.34 -13.93 8.90
N LEU A 327 14.58 -14.87 8.35
CA LEU A 327 15.05 -16.23 7.99
C LEU A 327 16.12 -16.11 6.92
N ARG A 328 15.99 -15.16 6.01
CA ARG A 328 16.96 -14.94 4.92
C ARG A 328 18.29 -14.48 5.53
N THR A 329 18.22 -13.53 6.46
CA THR A 329 19.42 -12.86 7.03
C THR A 329 20.09 -13.80 8.04
N GLU A 330 19.37 -14.23 9.06
CA GLU A 330 19.93 -14.91 10.27
C GLU A 330 20.35 -16.34 9.90
N ARG A 331 19.43 -17.17 9.39
CA ARG A 331 19.59 -18.65 9.39
C ARG A 331 20.03 -19.16 8.01
N ASN A 332 20.61 -18.30 7.18
CA ASN A 332 21.22 -18.71 5.88
C ASN A 332 20.27 -19.67 5.16
N LEU A 333 19.02 -19.25 5.02
CA LEU A 333 17.97 -19.98 4.26
C LEU A 333 17.57 -19.14 3.06
N LEU A 334 16.81 -19.72 2.16
CA LEU A 334 16.17 -19.00 1.02
C LEU A 334 14.70 -19.34 0.99
N VAL A 335 13.83 -18.37 1.21
CA VAL A 335 12.38 -18.55 1.09
C VAL A 335 11.91 -17.95 -0.21
N GLN A 336 10.95 -18.60 -0.85
CA GLN A 336 10.38 -18.18 -2.14
C GLN A 336 8.96 -18.69 -2.21
N GLU A 337 8.12 -18.03 -2.98
CA GLU A 337 6.71 -18.41 -3.18
C GLU A 337 6.67 -19.81 -3.78
N GLY A 338 5.76 -20.64 -3.31
CA GLY A 338 5.54 -21.99 -3.82
C GLY A 338 4.22 -22.09 -4.50
N GLU A 339 3.92 -23.22 -5.11
CA GLU A 339 2.65 -23.41 -5.82
C GLU A 339 1.49 -23.18 -4.84
N GLU A 340 1.54 -23.78 -3.62
CA GLU A 340 0.47 -23.55 -2.59
C GLU A 340 1.01 -22.96 -1.28
N GLY A 341 2.21 -23.31 -0.87
CA GLY A 341 2.79 -22.72 0.35
C GLY A 341 3.97 -21.85 0.01
N PHE A 342 5.03 -22.01 0.79
CA PHE A 342 6.38 -21.45 0.55
C PHE A 342 7.39 -22.58 0.47
N GLU A 343 8.63 -22.24 0.15
CA GLU A 343 9.72 -23.22 -0.08
C GLU A 343 11.01 -22.67 0.51
N VAL A 344 11.40 -23.17 1.66
CA VAL A 344 12.71 -22.85 2.27
C VAL A 344 13.75 -23.83 1.70
N ARG A 345 14.94 -23.32 1.37
CA ARG A 345 16.09 -24.14 0.90
C ARG A 345 17.35 -23.65 1.60
N SER A 346 18.42 -24.44 1.54
CA SER A 346 19.78 -24.05 2.02
C SER A 346 20.29 -22.91 1.15
N TRP A 347 21.03 -21.96 1.71
CA TRP A 347 21.51 -20.80 0.91
C TRP A 347 22.41 -21.26 -0.21
N PRO A 348 23.59 -21.85 0.09
CA PRO A 348 24.38 -22.48 -0.95
C PRO A 348 23.51 -23.68 -1.28
N GLY A 349 23.09 -23.82 -2.52
CA GLY A 349 22.14 -24.89 -2.85
C GLY A 349 22.85 -26.20 -3.03
N ILE A 350 22.99 -27.00 -1.97
CA ILE A 350 23.49 -28.39 -2.12
C ILE A 350 22.66 -29.05 -3.20
N ASP A 351 21.34 -29.10 -2.99
CA ASP A 351 20.40 -29.74 -3.93
C ASP A 351 19.14 -28.89 -4.04
N GLY A 352 18.40 -29.08 -5.12
CA GLY A 352 17.06 -28.49 -5.29
C GLY A 352 16.01 -29.30 -4.58
N LYS A 353 16.13 -29.38 -3.24
CA LYS A 353 15.13 -29.98 -2.33
C LYS A 353 14.10 -28.91 -2.01
N SER A 354 13.13 -29.17 -1.15
CA SER A 354 11.99 -28.24 -0.95
C SER A 354 11.32 -28.43 0.39
N LYS A 355 11.99 -28.16 1.50
CA LYS A 355 11.28 -28.10 2.80
C LYS A 355 10.35 -26.89 2.66
N THR A 356 9.04 -27.13 2.68
CA THR A 356 8.00 -26.08 2.51
C THR A 356 7.59 -25.54 3.88
N ILE A 357 6.75 -24.49 3.87
CA ILE A 357 6.10 -23.88 5.08
C ILE A 357 4.70 -23.45 4.66
N LEU A 358 3.65 -24.11 5.17
CA LEU A 358 2.25 -23.78 4.79
C LEU A 358 1.53 -23.11 5.97
N LEU A 359 0.42 -22.44 5.69
CA LEU A 359 -0.31 -21.56 6.66
C LEU A 359 -1.81 -21.66 6.40
N ASP A 360 -2.64 -21.47 7.43
CA ASP A 360 -4.12 -21.50 7.22
C ASP A 360 -4.55 -20.22 6.49
N ASN A 361 -3.98 -19.07 6.87
CA ASN A 361 -4.10 -17.84 6.05
C ASN A 361 -2.72 -17.50 5.46
N PRO A 362 -2.40 -18.01 4.23
CA PRO A 362 -1.09 -17.78 3.57
C PRO A 362 -0.75 -16.29 3.46
N GLU A 363 -1.78 -15.45 3.58
CA GLU A 363 -1.74 -14.01 3.26
C GLU A 363 -1.75 -13.19 4.55
N ASP A 364 -2.07 -13.80 5.70
CA ASP A 364 -2.00 -13.11 7.01
C ASP A 364 -0.53 -12.91 7.38
N ALA A 365 -0.16 -11.69 7.74
CA ALA A 365 1.23 -11.32 8.10
C ALA A 365 1.52 -11.72 9.54
N ALA A 366 0.50 -11.71 10.40
CA ALA A 366 0.60 -12.08 11.82
C ALA A 366 0.85 -13.59 11.93
N GLN A 367 0.20 -14.40 11.08
CA GLN A 367 0.45 -15.87 11.01
C GLN A 367 1.89 -16.10 10.60
N GLN A 368 2.29 -15.56 9.45
CA GLN A 368 3.68 -15.61 8.94
C GLN A 368 4.65 -15.28 10.07
N LYS A 369 4.40 -14.19 10.80
CA LYS A 369 5.36 -13.64 11.79
C LYS A 369 5.57 -14.68 12.89
N SER A 370 4.50 -15.35 13.29
CA SER A 370 4.53 -16.45 14.29
C SER A 370 5.45 -17.57 13.78
N ILE A 371 5.16 -18.11 12.60
CA ILE A 371 5.91 -19.23 11.96
C ILE A 371 7.39 -18.84 11.86
N GLU A 372 7.68 -17.60 11.49
CA GLU A 372 9.05 -17.08 11.38
C GLU A 372 9.67 -17.02 12.77
N ARG A 373 9.03 -16.30 13.68
CA ARG A 373 9.47 -16.12 15.08
C ARG A 373 9.75 -17.50 15.69
N PHE A 374 8.87 -18.47 15.38
CA PHE A 374 8.89 -19.85 15.91
C PHE A 374 10.07 -20.66 15.41
N ILE A 375 10.16 -20.83 14.09
CA ILE A 375 11.20 -21.69 13.45
C ILE A 375 12.53 -20.95 13.52
N LEU A 376 12.52 -19.76 14.11
CA LEU A 376 13.73 -18.94 14.34
C LEU A 376 14.26 -19.25 15.72
N ALA A 377 13.39 -19.16 16.72
CA ALA A 377 13.70 -19.42 18.13
C ALA A 377 14.09 -20.90 18.31
N ASN A 378 13.89 -21.73 17.26
CA ASN A 378 14.01 -23.22 17.33
C ASN A 378 15.17 -23.74 16.44
N PHE A 379 14.85 -24.15 15.21
CA PHE A 379 15.81 -24.74 14.26
C PHE A 379 16.97 -23.76 14.08
N ASP A 380 18.19 -24.28 13.97
CA ASP A 380 19.42 -23.48 13.74
C ASP A 380 19.80 -23.52 12.26
N ASN A 381 19.55 -24.65 11.58
CA ASN A 381 19.94 -24.84 10.14
C ASN A 381 18.77 -25.48 9.37
N PHE A 382 18.96 -25.65 8.05
CA PHE A 382 17.95 -26.13 7.08
C PHE A 382 17.72 -27.62 7.27
N GLU A 383 18.80 -28.39 7.16
CA GLU A 383 18.77 -29.88 7.20
C GLU A 383 18.22 -30.33 8.55
N GLN A 384 18.12 -29.41 9.50
CA GLN A 384 17.59 -29.65 10.87
C GLN A 384 16.10 -29.27 10.89
N MSE A 385 15.51 -29.15 9.68
CA MSE A 385 14.12 -28.72 9.50
C MSE A 385 13.21 -29.94 9.23
O MSE A 385 13.71 -31.03 8.96
CB MSE A 385 14.03 -27.68 8.35
CG MSE A 385 12.97 -26.58 8.56
SE MSE A 385 13.52 -24.76 7.99
CE MSE A 385 14.62 -23.96 9.38
N PRO A 386 11.86 -29.80 9.42
CA PRO A 386 10.87 -30.84 9.08
C PRO A 386 10.69 -30.91 7.58
N ASP A 387 10.23 -32.05 7.04
CA ASP A 387 9.94 -32.17 5.59
C ASP A 387 9.15 -30.91 5.19
N GLU A 388 8.15 -30.57 6.02
CA GLU A 388 7.12 -29.56 5.71
C GLU A 388 6.56 -29.17 7.08
N LEU A 389 6.66 -27.88 7.43
CA LEU A 389 6.01 -27.26 8.62
C LEU A 389 4.62 -26.75 8.22
N PHE A 390 3.81 -26.41 9.21
CA PHE A 390 2.40 -25.98 9.01
C PHE A 390 1.90 -25.28 10.27
N LEU A 391 1.24 -24.14 10.08
CA LEU A 391 0.67 -23.30 11.16
C LEU A 391 -0.82 -23.21 10.95
N VAL A 392 -1.59 -23.83 11.86
CA VAL A 392 -3.08 -23.84 11.82
C VAL A 392 -3.60 -23.34 13.16
N ASP A 393 -4.33 -22.23 13.12
CA ASP A 393 -5.06 -21.63 14.29
C ASP A 393 -4.22 -21.71 15.56
N ASN A 394 -3.03 -21.08 15.55
CA ASN A 394 -2.13 -20.99 16.75
C ASN A 394 -1.75 -22.41 17.18
N LYS A 395 -1.69 -23.33 16.22
CA LYS A 395 -1.16 -24.71 16.37
C LYS A 395 -0.07 -24.91 15.32
N VAL A 396 0.98 -25.66 15.65
CA VAL A 396 2.07 -25.98 14.69
C VAL A 396 1.99 -27.47 14.34
N LEU A 397 1.83 -27.78 13.05
CA LEU A 397 2.02 -29.15 12.52
C LEU A 397 3.50 -29.34 12.19
N SER A 398 3.87 -30.50 11.66
CA SER A 398 5.27 -30.87 11.28
C SER A 398 5.23 -32.11 10.41
N HIS A 399 6.28 -32.43 9.67
CA HIS A 399 6.25 -33.67 8.87
C HIS A 399 7.16 -34.76 9.42
N HIS A 400 8.48 -34.60 9.40
CA HIS A 400 9.39 -35.79 9.57
C HIS A 400 8.92 -36.87 8.59
N ASP A 401 8.43 -37.99 9.14
CA ASP A 401 7.85 -39.11 8.38
C ASP A 401 6.34 -39.24 8.71
N GLY A 402 5.88 -38.55 9.77
CA GLY A 402 4.46 -38.47 10.17
C GLY A 402 4.16 -37.12 10.79
N ARG A 403 2.98 -36.55 10.52
CA ARG A 403 2.52 -35.27 11.11
C ARG A 403 2.74 -35.43 12.64
N THR A 404 3.48 -34.49 13.24
CA THR A 404 3.68 -34.34 14.70
C THR A 404 3.34 -32.91 15.11
N ARG A 405 2.24 -32.71 15.82
CA ARG A 405 1.79 -31.36 16.30
C ARG A 405 2.62 -30.96 17.54
N ILE A 406 3.41 -29.87 17.45
CA ILE A 406 4.50 -29.59 18.47
C ILE A 406 4.33 -28.24 19.16
N ILE A 407 3.19 -27.58 19.12
CA ILE A 407 3.13 -26.22 19.76
C ILE A 407 1.78 -26.02 20.43
N ALA A 408 1.57 -24.86 21.04
CA ALA A 408 0.38 -24.56 21.80
C ALA A 408 0.01 -23.11 21.49
N GLN A 409 -1.29 -22.89 21.32
CA GLN A 409 -1.97 -21.58 21.17
C GLN A 409 -1.88 -20.79 22.48
N LYS A 410 -1.20 -21.36 23.47
CA LYS A 410 -1.07 -20.77 24.82
C LYS A 410 -0.03 -19.66 24.75
N GLU A 411 0.08 -18.85 25.80
CA GLU A 411 0.92 -17.64 25.84
C GLU A 411 2.37 -17.99 25.49
N ASP A 412 2.90 -19.07 26.07
CA ASP A 412 4.20 -19.68 25.67
C ASP A 412 3.88 -20.96 24.91
N GLY A 413 4.55 -21.19 23.78
CA GLY A 413 4.29 -22.40 23.00
C GLY A 413 4.71 -23.63 23.77
N ALA A 414 3.78 -24.45 24.21
CA ALA A 414 4.10 -25.69 24.95
C ALA A 414 4.41 -26.79 23.94
N TRP A 415 5.71 -26.99 23.64
CA TRP A 415 6.17 -28.03 22.68
C TRP A 415 5.54 -29.37 23.05
N THR A 416 5.39 -30.25 22.07
CA THR A 416 4.64 -31.54 22.14
C THR A 416 3.39 -31.35 23.02
N SER B 13 -15.68 17.76 -3.64
CA SER B 13 -16.82 18.68 -3.99
C SER B 13 -18.12 18.07 -3.53
N LEU B 14 -18.51 16.92 -4.07
CA LEU B 14 -19.77 16.22 -3.69
C LEU B 14 -19.56 15.48 -2.37
N VAL B 15 -18.51 14.68 -2.31
CA VAL B 15 -18.16 13.85 -1.14
C VAL B 15 -18.04 14.73 0.08
N ALA B 16 -17.62 15.99 -0.10
CA ALA B 16 -17.42 16.95 1.01
C ALA B 16 -18.73 17.08 1.80
N ALA B 17 -19.82 17.44 1.12
CA ALA B 17 -21.14 17.78 1.72
C ALA B 17 -21.70 16.62 2.56
N ARG B 18 -21.95 15.46 1.93
CA ARG B 18 -22.50 14.25 2.61
C ARG B 18 -21.56 13.87 3.74
N ALA B 19 -20.27 13.81 3.42
CA ALA B 19 -19.19 13.32 4.30
C ALA B 19 -19.26 14.06 5.63
N GLU B 20 -19.35 15.39 5.58
CA GLU B 20 -19.42 16.26 6.78
C GLU B 20 -20.65 15.88 7.60
N LYS B 21 -21.80 15.72 6.93
CA LYS B 21 -23.06 15.36 7.60
C LYS B 21 -22.93 13.98 8.24
N VAL B 22 -22.35 13.04 7.51
CA VAL B 22 -22.28 11.62 7.97
C VAL B 22 -21.20 11.49 9.04
N ALA B 23 -20.09 12.22 8.92
CA ALA B 23 -19.00 12.18 9.93
C ALA B 23 -19.49 12.80 11.22
N ASN B 24 -20.55 13.59 11.14
CA ASN B 24 -21.08 14.32 12.33
C ASN B 24 -21.58 13.29 13.34
N LEU B 25 -22.43 12.36 12.90
CA LEU B 25 -23.07 11.35 13.78
C LEU B 25 -21.98 10.54 14.46
N TYR B 26 -21.00 10.09 13.68
CA TYR B 26 -19.93 9.20 14.19
C TYR B 26 -19.15 9.92 15.27
N ARG B 27 -19.03 11.22 15.15
CA ARG B 27 -18.37 12.04 16.20
C ARG B 27 -19.03 11.72 17.53
N TRP B 28 -20.35 11.79 17.53
CA TRP B 28 -21.22 11.66 18.73
C TRP B 28 -21.26 10.22 19.21
N LEU B 29 -21.72 9.30 18.36
CA LEU B 29 -21.69 7.85 18.67
C LEU B 29 -20.23 7.45 18.92
N ASP B 30 -19.92 6.76 20.02
CA ASP B 30 -18.52 6.79 20.58
C ASP B 30 -17.51 6.34 19.52
N THR B 31 -16.40 7.07 19.46
CA THR B 31 -15.24 6.81 18.57
C THR B 31 -14.41 5.65 19.14
N VAL B 53 -0.44 5.95 19.49
CA VAL B 53 0.12 7.00 20.41
C VAL B 53 1.57 6.75 20.83
N SER B 54 2.53 6.89 19.91
CA SER B 54 3.95 6.63 20.24
C SER B 54 4.91 7.67 19.61
N ASP B 55 4.62 8.11 18.39
CA ASP B 55 5.50 8.98 17.55
C ASP B 55 6.72 8.18 17.07
N GLU B 56 7.40 7.46 17.95
CA GLU B 56 8.52 6.57 17.53
C GLU B 56 7.98 5.62 16.45
N VAL B 57 6.75 5.11 16.62
CA VAL B 57 6.10 4.14 15.69
C VAL B 57 5.28 4.91 14.66
N LYS B 58 4.68 6.03 15.04
CA LYS B 58 3.77 6.77 14.14
C LYS B 58 4.52 7.13 12.86
N GLN B 59 5.74 7.65 12.97
CA GLN B 59 6.55 8.04 11.79
C GLN B 59 7.21 6.80 11.18
N ARG B 60 7.25 5.69 11.90
CA ARG B 60 7.57 4.35 11.33
C ARG B 60 6.38 3.88 10.50
N MSE B 61 5.20 4.03 11.09
CA MSE B 61 3.93 3.68 10.47
C MSE B 61 3.72 4.51 9.21
O MSE B 61 3.23 4.01 8.19
CB MSE B 61 2.80 4.01 11.47
CG MSE B 61 1.66 3.07 11.46
SE MSE B 61 0.76 3.11 13.19
CE MSE B 61 1.28 1.40 13.94
N ILE B 62 3.99 5.80 9.35
CA ILE B 62 3.74 6.80 8.33
C ILE B 62 4.65 6.55 7.16
N GLN B 63 5.93 6.30 7.44
CA GLN B 63 6.99 6.10 6.42
C GLN B 63 6.65 4.88 5.59
N SER B 64 5.97 3.91 6.19
CA SER B 64 5.44 2.74 5.45
C SER B 64 4.29 3.18 4.55
N MSE B 65 3.62 4.25 4.97
CA MSE B 65 2.50 4.90 4.21
C MSE B 65 3.04 5.34 2.84
O MSE B 65 2.45 4.97 1.81
CB MSE B 65 1.27 4.01 4.12
CG MSE B 65 0.08 4.66 3.44
SE MSE B 65 -1.45 3.44 3.31
CE MSE B 65 -2.26 3.23 5.08
N SER B 66 4.12 6.13 2.84
CA SER B 66 4.76 6.63 1.63
C SER B 66 5.28 5.47 0.79
N GLY B 67 6.04 4.58 1.40
CA GLY B 67 6.71 3.47 0.74
C GLY B 67 5.73 2.70 -0.13
N TYR B 68 4.46 2.70 0.25
CA TYR B 68 3.38 1.92 -0.39
C TYR B 68 2.76 2.75 -1.52
N ILE B 69 2.50 4.02 -1.27
CA ILE B 69 1.86 4.92 -2.25
C ILE B 69 2.87 5.26 -3.35
N GLU B 70 4.14 5.44 -2.97
CA GLU B 70 5.22 5.84 -3.91
C GLU B 70 5.54 4.67 -4.82
N HIS B 71 5.27 3.43 -4.36
CA HIS B 71 5.68 2.18 -5.05
C HIS B 71 4.45 1.36 -5.48
N THR B 72 3.33 2.01 -5.80
CA THR B 72 2.09 1.34 -6.29
C THR B 72 1.42 2.19 -7.38
N ASP B 73 0.43 1.62 -8.06
CA ASP B 73 -0.28 2.27 -9.21
C ASP B 73 -1.54 2.96 -8.70
N ASN B 74 -1.47 4.27 -8.55
CA ASN B 74 -2.53 5.14 -7.97
C ASN B 74 -2.42 6.54 -8.58
N GLN B 75 -3.32 7.42 -8.19
CA GLN B 75 -3.41 8.79 -8.75
C GLN B 75 -2.99 9.81 -7.70
N VAL B 76 -2.47 9.37 -6.58
CA VAL B 76 -1.87 10.29 -5.59
C VAL B 76 -0.69 10.98 -6.25
N PRO B 77 -0.62 12.33 -6.25
CA PRO B 77 0.51 13.04 -6.84
C PRO B 77 1.82 12.71 -6.14
N LYS B 78 2.93 12.95 -6.82
CA LYS B 78 4.29 12.48 -6.40
C LYS B 78 4.65 12.97 -4.98
N ASP B 79 4.54 14.28 -4.71
CA ASP B 79 5.08 14.88 -3.46
C ASP B 79 4.16 14.49 -2.28
N GLN B 80 2.86 14.54 -2.50
CA GLN B 80 1.82 14.29 -1.49
C GLN B 80 1.52 12.80 -1.47
N ALA B 81 2.54 11.99 -1.27
CA ALA B 81 2.41 10.60 -0.84
C ALA B 81 2.66 10.54 0.65
N GLU B 82 3.78 11.10 1.09
CA GLU B 82 4.20 11.10 2.51
C GLU B 82 3.21 11.93 3.31
N ALA B 83 2.67 12.97 2.70
CA ALA B 83 1.77 13.93 3.36
C ALA B 83 0.36 13.37 3.42
N LEU B 84 -0.07 12.66 2.36
CA LEU B 84 -1.37 11.94 2.33
C LEU B 84 -1.32 10.79 3.33
N ALA B 85 -0.14 10.23 3.54
CA ALA B 85 0.09 9.06 4.41
C ALA B 85 -0.08 9.45 5.88
N THR B 86 0.44 10.61 6.24
CA THR B 86 0.36 11.15 7.63
C THR B 86 -1.09 11.51 7.92
N LEU B 87 -1.75 12.12 6.97
CA LEU B 87 -3.17 12.50 7.04
C LEU B 87 -4.01 11.27 7.26
N PHE B 88 -3.77 10.23 6.47
CA PHE B 88 -4.53 8.98 6.53
C PHE B 88 -4.46 8.42 7.95
N VAL B 89 -3.24 8.23 8.46
CA VAL B 89 -2.99 7.42 9.69
C VAL B 89 -3.27 8.28 10.94
N GLU B 90 -3.06 9.59 10.86
CA GLU B 90 -3.44 10.54 11.95
C GLU B 90 -4.95 10.53 12.10
N SER B 91 -5.67 10.79 11.02
CA SER B 91 -7.14 10.78 10.94
C SER B 91 -7.69 9.52 11.60
N THR B 92 -7.23 8.35 11.15
CA THR B 92 -7.72 7.00 11.55
C THR B 92 -7.46 6.77 13.05
N LEU B 93 -6.19 6.80 13.43
CA LEU B 93 -5.69 6.36 14.75
C LEU B 93 -6.25 7.29 15.84
N ASP B 94 -6.27 8.61 15.55
CA ASP B 94 -6.66 9.68 16.52
C ASP B 94 -8.17 9.93 16.45
N TYR B 95 -8.82 9.37 15.44
CA TYR B 95 -10.27 9.59 15.13
C TYR B 95 -10.53 11.09 14.95
N ASP B 96 -9.75 11.74 14.08
CA ASP B 96 -9.91 13.18 13.75
C ASP B 96 -10.97 13.33 12.67
N TRP B 97 -12.24 13.33 13.05
CA TRP B 97 -13.38 13.31 12.09
C TRP B 97 -13.30 14.50 11.15
N ASP B 98 -12.55 15.53 11.49
CA ASP B 98 -12.29 16.65 10.56
C ASP B 98 -11.13 16.25 9.64
N LYS B 99 -10.31 15.33 10.10
CA LYS B 99 -9.14 14.83 9.35
C LYS B 99 -9.56 13.64 8.49
N ARG B 100 -10.47 12.80 9.00
CA ARG B 100 -11.03 11.64 8.27
C ARG B 100 -11.71 12.14 7.02
N VAL B 101 -12.45 13.24 7.15
CA VAL B 101 -13.29 13.83 6.08
C VAL B 101 -12.38 14.48 5.07
N GLU B 102 -11.23 14.96 5.51
CA GLU B 102 -10.26 15.69 4.66
C GLU B 102 -9.63 14.71 3.69
N PHE B 103 -9.27 13.53 4.18
CA PHE B 103 -8.61 12.47 3.39
C PHE B 103 -9.53 12.03 2.25
N LEU B 104 -10.85 12.12 2.46
CA LEU B 104 -11.88 11.85 1.42
C LEU B 104 -11.88 12.94 0.37
N THR B 105 -12.15 14.18 0.77
CA THR B 105 -12.11 15.35 -0.15
C THR B 105 -10.73 15.41 -0.79
N LYS B 106 -9.69 15.22 0.00
CA LYS B 106 -8.29 15.16 -0.47
C LYS B 106 -8.17 14.09 -1.54
N LEU B 107 -8.67 12.89 -1.25
CA LEU B 107 -8.65 11.75 -2.20
C LEU B 107 -9.34 12.17 -3.49
N GLU B 108 -10.46 12.86 -3.38
CA GLU B 108 -11.34 13.15 -4.54
C GLU B 108 -10.71 14.24 -5.39
N SER B 109 -9.82 15.06 -4.82
CA SER B 109 -9.13 16.15 -5.55
C SER B 109 -8.08 15.54 -6.49
N TYR B 110 -7.86 14.23 -6.40
CA TYR B 110 -6.85 13.48 -7.19
C TYR B 110 -7.52 12.69 -8.32
N GLY B 111 -8.84 12.63 -8.35
CA GLY B 111 -9.60 12.06 -9.49
C GLY B 111 -10.46 10.89 -9.09
N TYR B 112 -10.45 10.55 -7.80
CA TYR B 112 -11.25 9.42 -7.23
C TYR B 112 -12.71 9.86 -7.15
N SER B 113 -13.62 8.93 -6.95
CA SER B 113 -15.08 9.22 -6.93
C SER B 113 -15.79 8.27 -5.97
N PHE B 114 -16.60 8.82 -5.07
CA PHE B 114 -17.31 8.07 -4.01
C PHE B 114 -18.81 8.03 -4.33
N GLU B 115 -19.16 8.11 -5.62
CA GLU B 115 -20.57 8.22 -6.11
C GLU B 115 -20.99 6.91 -6.80
N ALA B 116 -22.30 6.68 -6.84
CA ALA B 116 -22.98 5.64 -7.63
C ALA B 116 -23.96 6.32 -8.58
N PRO B 117 -23.96 5.98 -9.89
CA PRO B 117 -24.78 6.69 -10.87
C PRO B 117 -26.26 6.26 -10.91
N HIS B 118 -27.05 6.77 -9.97
CA HIS B 118 -28.54 6.59 -9.91
C HIS B 118 -28.89 5.10 -9.85
N ALA B 119 -28.10 4.31 -9.12
CA ALA B 119 -28.34 2.87 -8.90
C ALA B 119 -28.30 2.55 -7.39
N GLU B 120 -28.84 1.36 -7.04
CA GLU B 120 -28.98 0.81 -5.64
C GLU B 120 -27.60 0.33 -5.15
N LYS B 121 -27.46 -0.05 -3.86
CA LYS B 121 -26.13 -0.44 -3.30
C LYS B 121 -26.29 -1.38 -2.09
N SER B 122 -25.15 -1.94 -1.66
CA SER B 122 -24.98 -2.84 -0.49
C SER B 122 -23.73 -2.39 0.29
N ILE B 123 -23.49 -3.06 1.42
CA ILE B 123 -22.43 -2.71 2.41
C ILE B 123 -21.43 -3.86 2.45
N VAL B 124 -20.12 -3.59 2.45
CA VAL B 124 -19.14 -4.66 2.74
C VAL B 124 -19.37 -5.12 4.16
N SER B 125 -19.51 -6.41 4.38
CA SER B 125 -20.10 -6.98 5.63
C SER B 125 -19.24 -6.60 6.83
N PHE B 126 -19.88 -6.44 7.97
CA PHE B 126 -19.25 -6.15 9.28
C PHE B 126 -19.19 -7.45 10.09
N TRP B 127 -19.19 -8.55 9.36
CA TRP B 127 -19.03 -9.94 9.86
C TRP B 127 -18.52 -10.70 8.64
N SER B 128 -17.28 -10.39 8.25
CA SER B 128 -16.66 -10.86 6.96
C SER B 128 -16.63 -12.39 6.91
N GLY B 129 -16.92 -12.95 5.73
CA GLY B 129 -17.04 -14.39 5.50
C GLY B 129 -16.25 -14.84 4.29
N LYS B 130 -15.91 -16.14 4.23
CA LYS B 130 -15.19 -16.79 3.11
C LYS B 130 -16.04 -16.65 1.84
N ASN B 131 -17.35 -16.81 1.99
CA ASN B 131 -18.39 -16.62 0.92
C ASN B 131 -18.63 -15.12 0.99
N PHE B 132 -17.60 -14.33 0.73
CA PHE B 132 -17.68 -12.87 0.48
C PHE B 132 -18.26 -12.64 -0.90
N LYS B 133 -17.67 -13.31 -1.88
CA LYS B 133 -18.00 -13.21 -3.31
C LYS B 133 -19.42 -13.73 -3.54
N GLN B 134 -19.85 -14.72 -2.75
CA GLN B 134 -21.12 -15.46 -2.99
C GLN B 134 -22.28 -14.48 -3.10
N TYR B 135 -22.25 -13.37 -2.36
CA TYR B 135 -23.38 -12.42 -2.34
C TYR B 135 -23.42 -11.62 -3.65
N ARG B 136 -22.26 -11.44 -4.31
CA ARG B 136 -22.16 -10.71 -5.61
C ARG B 136 -23.08 -11.38 -6.63
N ASP B 137 -22.86 -12.67 -6.87
CA ASP B 137 -23.55 -13.48 -7.89
C ASP B 137 -25.02 -13.58 -7.52
N ILE B 138 -25.33 -13.76 -6.24
CA ILE B 138 -26.73 -13.88 -5.74
C ILE B 138 -27.47 -12.59 -6.10
N LEU B 139 -26.84 -11.44 -5.90
CA LEU B 139 -27.47 -10.11 -6.11
C LEU B 139 -27.72 -9.87 -7.60
N ASP B 140 -26.84 -10.38 -8.49
CA ASP B 140 -27.08 -10.31 -9.97
C ASP B 140 -28.33 -11.13 -10.30
N ASN B 141 -28.50 -12.34 -9.73
CA ASN B 141 -29.56 -13.30 -10.18
C ASN B 141 -30.88 -13.06 -9.43
N ALA B 142 -30.85 -12.28 -8.34
CA ALA B 142 -32.03 -12.04 -7.45
C ALA B 142 -32.99 -11.02 -8.07
N GLN B 143 -32.46 -9.95 -8.68
CA GLN B 143 -33.29 -8.88 -9.30
C GLN B 143 -34.31 -9.52 -10.25
N VAL B 149 -25.99 -5.08 -9.34
CA VAL B 149 -25.86 -4.49 -7.97
C VAL B 149 -24.40 -4.09 -7.76
N VAL B 150 -24.15 -2.94 -7.12
CA VAL B 150 -22.77 -2.41 -6.91
C VAL B 150 -22.41 -2.52 -5.44
N TYR B 151 -21.12 -2.79 -5.20
CA TYR B 151 -20.51 -2.92 -3.85
C TYR B 151 -19.72 -1.64 -3.53
N ASP B 152 -19.36 -1.48 -2.25
CA ASP B 152 -18.49 -0.37 -1.74
C ASP B 152 -17.14 -0.39 -2.43
N ILE B 153 -16.51 -1.55 -2.43
CA ILE B 153 -15.15 -1.81 -2.97
C ILE B 153 -15.21 -1.80 -4.49
N ASP B 154 -16.40 -1.62 -5.09
CA ASP B 154 -16.55 -1.52 -6.58
C ASP B 154 -16.22 -0.11 -7.02
N VAL B 155 -16.42 0.88 -6.15
CA VAL B 155 -16.24 2.33 -6.48
C VAL B 155 -14.75 2.67 -6.36
N LYS B 156 -14.24 3.45 -7.31
CA LYS B 156 -12.79 3.74 -7.47
C LYS B 156 -12.24 4.35 -6.18
N GLY B 157 -12.93 5.36 -5.66
CA GLY B 157 -12.48 6.17 -4.52
C GLY B 157 -12.48 5.37 -3.23
N ASN B 158 -13.57 4.69 -2.95
CA ASN B 158 -13.72 3.78 -1.79
C ASN B 158 -12.65 2.69 -1.86
N ALA B 159 -12.43 2.15 -3.05
CA ALA B 159 -11.57 0.97 -3.29
C ALA B 159 -10.15 1.28 -2.83
N PHE B 160 -9.61 2.44 -3.23
CA PHE B 160 -8.26 2.94 -2.82
C PHE B 160 -8.23 3.20 -1.32
N ALA B 161 -9.34 3.68 -0.79
CA ALA B 161 -9.48 4.01 0.63
C ALA B 161 -9.25 2.76 1.46
N ILE B 162 -9.75 1.62 0.95
CA ILE B 162 -9.77 0.33 1.70
C ILE B 162 -8.44 -0.41 1.50
N ASP B 163 -7.86 -0.35 0.31
CA ASP B 163 -6.57 -1.04 0.04
C ASP B 163 -5.46 -0.29 0.78
N LEU B 164 -5.65 1.02 1.00
CA LEU B 164 -4.80 1.87 1.89
C LEU B 164 -4.97 1.40 3.33
N ASN B 165 -6.20 1.31 3.78
CA ASN B 165 -6.61 0.86 5.12
C ASN B 165 -6.05 -0.54 5.38
N LYS B 166 -6.15 -1.40 4.38
CA LYS B 166 -5.73 -2.81 4.45
C LYS B 166 -4.24 -2.87 4.72
N HIS B 167 -3.49 -1.86 4.28
CA HIS B 167 -2.01 -1.78 4.44
C HIS B 167 -1.63 -1.44 5.88
N LEU B 168 -2.45 -0.67 6.58
CA LEU B 168 -2.32 -0.50 8.04
C LEU B 168 -2.60 -1.85 8.70
N MSE B 169 -3.51 -2.60 8.08
CA MSE B 169 -3.91 -3.98 8.49
C MSE B 169 -2.73 -4.95 8.36
O MSE B 169 -2.65 -5.90 9.18
CB MSE B 169 -4.57 -4.00 9.88
CG MSE B 169 -5.98 -4.57 9.87
SE MSE B 169 -7.21 -3.40 8.89
CE MSE B 169 -8.22 -4.46 7.58
N ARG B 170 -1.84 -4.74 7.38
CA ARG B 170 -0.72 -5.65 7.14
C ARG B 170 0.51 -5.16 7.92
N TRP B 171 0.79 -3.85 7.93
CA TRP B 171 1.77 -3.24 8.89
C TRP B 171 1.40 -3.72 10.27
N GLY B 172 0.10 -3.72 10.52
CA GLY B 172 -0.51 -3.97 11.83
C GLY B 172 -0.31 -5.38 12.31
N GLY B 173 0.06 -6.30 11.42
CA GLY B 173 0.11 -7.75 11.73
C GLY B 173 1.52 -8.27 11.74
N LEU B 174 2.45 -7.44 11.34
CA LEU B 174 3.76 -7.84 10.77
C LEU B 174 4.87 -7.34 11.69
N PHE B 175 4.65 -6.20 12.36
CA PHE B 175 5.67 -5.53 13.20
C PHE B 175 5.16 -5.41 14.64
N LEU B 176 4.11 -6.17 14.96
CA LEU B 176 3.53 -6.26 16.33
C LEU B 176 3.32 -7.72 16.68
N ASP B 177 3.59 -8.11 17.93
CA ASP B 177 3.23 -9.45 18.47
C ASP B 177 2.67 -9.30 19.87
N PRO B 178 1.67 -10.13 20.25
CA PRO B 178 0.98 -9.95 21.54
C PRO B 178 1.85 -10.22 22.79
N ASP B 179 3.04 -10.79 22.61
CA ASP B 179 4.01 -11.08 23.72
C ASP B 179 4.53 -9.77 24.33
N ASN B 180 4.59 -8.66 23.57
CA ASN B 180 5.17 -7.39 24.10
C ASN B 180 4.08 -6.51 24.77
N ALA B 181 2.81 -6.93 24.71
CA ALA B 181 1.66 -6.31 25.47
C ALA B 181 1.27 -4.94 24.88
N GLU B 182 2.22 -3.99 24.83
CA GLU B 182 2.04 -2.68 24.13
C GLU B 182 2.04 -2.91 22.64
N GLN B 183 2.86 -3.84 22.17
CA GLN B 183 2.83 -4.34 20.79
C GLN B 183 1.40 -4.78 20.49
N ASN B 184 0.86 -5.67 21.31
CA ASN B 184 -0.50 -6.23 21.12
C ASN B 184 -1.54 -5.21 21.56
N GLN B 185 -1.15 -4.24 22.38
CA GLN B 185 -2.03 -3.11 22.75
C GLN B 185 -2.41 -2.36 21.49
N LEU B 186 -1.44 -2.10 20.64
CA LEU B 186 -1.59 -1.24 19.45
C LEU B 186 -2.41 -1.96 18.40
N LYS B 187 -1.97 -3.15 17.97
CA LYS B 187 -2.65 -3.94 16.91
C LYS B 187 -4.14 -3.93 17.16
N SER B 188 -4.55 -4.24 18.39
CA SER B 188 -5.95 -4.20 18.84
C SER B 188 -6.58 -2.86 18.43
N SER B 189 -5.80 -1.78 18.57
CA SER B 189 -6.24 -0.37 18.32
C SER B 189 -6.19 -0.06 16.82
N ILE B 190 -5.28 -0.68 16.08
CA ILE B 190 -5.15 -0.51 14.62
C ILE B 190 -6.33 -1.21 13.95
N ASP B 191 -6.66 -2.43 14.41
CA ASP B 191 -7.87 -3.17 14.00
C ASP B 191 -9.08 -2.29 14.27
N ALA B 192 -9.12 -1.72 15.46
CA ALA B 192 -10.24 -0.89 15.99
C ALA B 192 -10.49 0.28 15.06
N ALA B 193 -9.47 1.13 14.90
CA ALA B 193 -9.49 2.39 14.10
C ALA B 193 -9.92 2.09 12.67
N THR B 194 -9.14 1.26 11.99
CA THR B 194 -9.34 0.89 10.56
C THR B 194 -10.74 0.37 10.35
N PHE B 195 -11.29 -0.29 11.34
CA PHE B 195 -12.66 -0.82 11.34
C PHE B 195 -13.63 0.36 11.29
N SER B 196 -13.27 1.45 11.96
CA SER B 196 -14.14 2.63 12.12
C SER B 196 -14.28 3.35 10.78
N ASN B 197 -13.29 3.26 9.90
CA ASN B 197 -13.32 3.96 8.58
C ASN B 197 -14.29 3.27 7.65
N THR B 198 -14.10 1.98 7.48
CA THR B 198 -14.89 1.12 6.60
C THR B 198 -16.37 1.40 6.81
N GLY B 199 -16.81 1.38 8.07
CA GLY B 199 -18.17 1.77 8.47
C GLY B 199 -18.45 3.20 8.08
N PHE B 200 -17.58 4.13 8.46
CA PHE B 200 -17.72 5.56 8.16
C PHE B 200 -17.85 5.72 6.64
N TRP B 201 -16.94 5.14 5.86
CA TRP B 201 -16.93 5.29 4.38
C TRP B 201 -18.16 4.61 3.78
N SER B 202 -18.60 3.50 4.37
CA SER B 202 -19.85 2.82 3.95
C SER B 202 -21.03 3.77 3.99
N SER B 203 -21.31 4.35 5.15
CA SER B 203 -22.43 5.31 5.28
C SER B 203 -22.29 6.42 4.25
N VAL B 204 -21.12 7.00 4.15
CA VAL B 204 -20.98 8.23 3.31
C VAL B 204 -21.23 7.86 1.84
N TYR B 205 -20.73 6.71 1.37
CA TYR B 205 -21.00 6.22 -0.01
C TYR B 205 -22.48 5.95 -0.15
N ALA B 206 -22.98 5.17 0.79
CA ALA B 206 -24.40 4.77 0.87
C ALA B 206 -25.26 6.03 0.74
N THR B 207 -24.86 7.07 1.49
CA THR B 207 -25.54 8.41 1.60
C THR B 207 -25.33 9.22 0.32
N GLY B 208 -24.38 8.82 -0.50
CA GLY B 208 -24.08 9.49 -1.78
C GLY B 208 -25.26 9.39 -2.73
N ALA B 209 -25.59 8.18 -3.13
CA ALA B 209 -26.82 7.84 -3.87
C ALA B 209 -27.80 7.14 -2.91
N GLN B 210 -29.04 7.64 -2.80
CA GLN B 210 -29.95 7.26 -1.66
C GLN B 210 -30.98 6.19 -2.09
N ASN B 211 -30.70 5.36 -3.11
CA ASN B 211 -31.75 4.39 -3.59
C ASN B 211 -32.01 3.33 -2.48
N ASP B 212 -30.98 2.62 -1.98
CA ASP B 212 -31.18 1.53 -0.95
C ASP B 212 -29.85 0.99 -0.43
N VAL B 213 -29.95 0.06 0.55
CA VAL B 213 -28.82 -0.41 1.42
C VAL B 213 -29.13 -1.84 1.90
N TYR B 214 -28.19 -2.76 1.69
CA TYR B 214 -28.13 -4.11 2.28
C TYR B 214 -26.93 -4.18 3.21
N VAL B 215 -27.10 -3.85 4.49
CA VAL B 215 -26.13 -4.20 5.55
C VAL B 215 -26.11 -5.70 5.66
N ILE B 216 -24.95 -6.33 5.48
CA ILE B 216 -24.85 -7.81 5.43
C ILE B 216 -24.05 -8.28 6.65
N ALA B 217 -24.75 -8.74 7.69
CA ALA B 217 -24.17 -9.36 8.90
C ALA B 217 -24.06 -10.86 8.64
N GLU B 218 -23.35 -11.60 9.48
CA GLU B 218 -23.13 -13.07 9.29
C GLU B 218 -23.78 -13.85 10.45
N GLY B 219 -23.06 -13.99 11.55
CA GLY B 219 -23.56 -14.64 12.76
C GLY B 219 -24.13 -13.63 13.73
N GLY B 220 -24.14 -12.35 13.34
CA GLY B 220 -24.63 -11.23 14.15
C GLY B 220 -26.14 -11.09 14.06
N GLY B 224 -22.84 -5.56 21.70
CA GLY B 224 -21.64 -4.99 22.36
C GLY B 224 -20.45 -4.92 21.42
N ASN B 225 -20.69 -4.65 20.13
CA ASN B 225 -19.61 -4.47 19.10
C ASN B 225 -19.87 -3.19 18.31
N TYR B 226 -18.84 -2.70 17.62
CA TYR B 226 -18.82 -1.38 16.91
C TYR B 226 -20.13 -1.18 16.18
N PHE B 227 -20.49 -2.15 15.35
CA PHE B 227 -21.63 -2.06 14.42
C PHE B 227 -22.95 -2.11 15.19
N TRP B 228 -22.91 -2.51 16.45
CA TRP B 228 -24.14 -2.65 17.26
C TRP B 228 -24.62 -1.29 17.69
N ASN B 229 -23.78 -0.54 18.40
CA ASN B 229 -24.18 0.71 19.10
C ASN B 229 -23.67 1.90 18.33
N VAL B 230 -23.05 1.70 17.17
CA VAL B 230 -22.55 2.81 16.33
C VAL B 230 -23.14 2.70 14.94
N GLU B 231 -22.72 1.72 14.15
CA GLU B 231 -23.09 1.62 12.72
C GLU B 231 -24.60 1.72 12.60
N LEU B 232 -25.34 0.91 13.37
CA LEU B 232 -26.81 0.75 13.20
C LEU B 232 -27.54 2.06 13.57
N PRO B 233 -27.39 2.57 14.83
CA PRO B 233 -27.97 3.87 15.21
C PRO B 233 -27.67 4.92 14.15
N ALA B 234 -26.40 5.02 13.78
CA ALA B 234 -25.91 5.88 12.70
C ALA B 234 -26.66 5.56 11.40
N LEU B 235 -26.94 4.27 11.16
CA LEU B 235 -27.56 3.81 9.88
C LEU B 235 -28.99 4.33 9.81
N ARG B 236 -29.83 3.93 10.76
CA ARG B 236 -31.27 4.30 10.79
C ARG B 236 -31.39 5.80 11.02
N GLN B 237 -30.39 6.43 11.63
CA GLN B 237 -30.41 7.88 11.91
C GLN B 237 -30.17 8.64 10.62
N LEU B 238 -29.43 8.06 9.68
CA LEU B 238 -29.24 8.63 8.32
C LEU B 238 -30.51 8.39 7.50
N GLN B 239 -31.11 7.21 7.65
CA GLN B 239 -32.39 6.86 7.01
C GLN B 239 -33.48 7.79 7.53
N ARG B 240 -33.57 7.88 8.84
CA ARG B 240 -34.55 8.72 9.59
C ARG B 240 -34.54 10.14 9.04
N GLU B 241 -33.38 10.61 8.60
CA GLU B 241 -33.21 12.00 8.10
C GLU B 241 -33.39 12.02 6.59
N GLY B 242 -33.75 10.87 6.01
CA GLY B 242 -34.05 10.73 4.56
C GLY B 242 -32.81 10.52 3.75
N LEU B 243 -31.66 10.41 4.41
CA LEU B 243 -30.34 10.35 3.75
C LEU B 243 -30.17 9.00 3.03
N VAL B 244 -30.46 7.86 3.69
CA VAL B 244 -29.91 6.55 3.20
C VAL B 244 -30.96 5.74 2.42
N GLY B 245 -32.24 5.82 2.72
CA GLY B 245 -33.24 5.03 1.96
C GLY B 245 -33.70 3.80 2.73
N GLU B 246 -33.33 2.60 2.29
CA GLU B 246 -33.86 1.33 2.89
C GLU B 246 -32.72 0.45 3.40
N ILE B 247 -32.96 -0.25 4.51
CA ILE B 247 -31.98 -1.16 5.16
C ILE B 247 -32.57 -2.56 5.23
N ARG B 248 -31.82 -3.54 4.75
CA ARG B 248 -32.17 -4.98 4.82
C ARG B 248 -30.99 -5.75 5.39
N LEU B 249 -31.12 -6.27 6.62
CA LEU B 249 -30.01 -6.90 7.38
C LEU B 249 -29.90 -8.38 7.01
N LEU B 250 -28.92 -8.74 6.18
CA LEU B 250 -28.58 -10.16 5.91
C LEU B 250 -27.76 -10.71 7.08
N ASP B 251 -28.32 -11.66 7.84
CA ASP B 251 -27.63 -12.28 9.01
C ASP B 251 -27.71 -13.81 8.96
N LYS B 252 -28.52 -14.36 8.04
CA LYS B 252 -28.72 -15.84 7.98
C LYS B 252 -27.64 -16.51 7.12
N PRO B 253 -27.70 -17.84 6.92
CA PRO B 253 -26.73 -18.57 6.08
C PRO B 253 -27.09 -18.45 4.60
N VAL B 254 -26.21 -18.89 3.70
CA VAL B 254 -26.52 -18.72 2.25
C VAL B 254 -27.59 -19.75 1.87
N SER B 255 -27.99 -20.59 2.83
CA SER B 255 -29.03 -21.64 2.70
C SER B 255 -30.44 -21.06 2.52
N GLU B 256 -30.92 -20.31 3.52
CA GLU B 256 -32.18 -19.54 3.43
C GLU B 256 -32.03 -18.51 2.30
N TYR B 257 -30.75 -18.18 2.08
CA TYR B 257 -30.26 -17.21 1.08
C TYR B 257 -30.01 -17.90 -0.25
N LYS B 258 -31.05 -18.58 -0.72
CA LYS B 258 -31.09 -19.17 -2.09
C LYS B 258 -32.27 -18.56 -2.84
N ASP B 259 -32.52 -18.99 -4.08
CA ASP B 259 -33.51 -18.31 -4.98
C ASP B 259 -34.84 -18.16 -4.24
N LEU B 260 -35.29 -16.90 -4.09
CA LEU B 260 -36.63 -16.51 -3.57
C LEU B 260 -36.85 -15.01 -3.83
N PRO B 261 -38.06 -14.46 -3.49
CA PRO B 261 -38.38 -13.07 -3.79
C PRO B 261 -37.37 -12.11 -3.19
N ALA B 262 -37.14 -10.95 -3.83
CA ALA B 262 -36.11 -9.97 -3.44
C ALA B 262 -36.27 -9.63 -1.97
N ASP B 263 -37.51 -9.67 -1.47
CA ASP B 263 -37.85 -9.30 -0.07
C ASP B 263 -37.71 -10.51 0.84
N GLN B 264 -37.76 -11.74 0.30
CA GLN B 264 -37.70 -12.98 1.12
C GLN B 264 -36.25 -13.19 1.58
N ILE B 265 -35.34 -12.31 1.11
CA ILE B 265 -33.89 -12.25 1.49
C ILE B 265 -33.67 -11.03 2.40
N GLY B 266 -33.16 -11.25 3.61
CA GLY B 266 -32.90 -10.18 4.59
C GLY B 266 -34.19 -9.70 5.22
N ARG B 267 -34.19 -8.52 5.85
CA ARG B 267 -35.43 -7.99 6.48
C ARG B 267 -35.37 -6.48 6.64
N ARG B 268 -36.52 -5.83 6.48
CA ARG B 268 -36.75 -4.38 6.71
C ARG B 268 -37.31 -4.21 8.13
N LEU B 269 -36.98 -3.10 8.78
CA LEU B 269 -37.14 -2.97 10.26
C LEU B 269 -38.43 -2.22 10.62
N THR B 270 -39.37 -2.06 9.69
CA THR B 270 -40.57 -1.20 9.94
C THR B 270 -41.32 -1.71 11.17
N ASP B 271 -41.66 -3.00 11.22
CA ASP B 271 -42.41 -3.52 12.40
C ASP B 271 -41.50 -3.38 13.62
N ALA B 272 -40.28 -3.90 13.57
CA ALA B 272 -39.38 -3.97 14.73
C ALA B 272 -37.92 -4.11 14.30
N GLY B 273 -36.99 -3.93 15.25
CA GLY B 273 -35.55 -4.04 14.97
C GLY B 273 -35.08 -5.48 14.96
N VAL B 274 -36.00 -6.43 15.19
CA VAL B 274 -35.67 -7.88 15.20
C VAL B 274 -34.48 -8.10 16.14
N ASP B 308 -34.31 -9.77 18.94
CA ASP B 308 -35.69 -9.32 19.23
C ASP B 308 -35.67 -7.86 19.70
N VAL B 309 -34.73 -7.07 19.16
CA VAL B 309 -34.61 -5.63 19.52
C VAL B 309 -35.82 -4.89 18.97
N LYS B 310 -36.31 -3.89 19.72
CA LYS B 310 -37.59 -3.19 19.45
C LYS B 310 -37.47 -2.31 18.18
N LEU B 311 -36.29 -1.69 17.98
CA LEU B 311 -35.98 -0.55 17.02
C LEU B 311 -36.62 0.76 17.50
N SER B 312 -37.48 0.69 18.51
CA SER B 312 -37.94 1.86 19.28
C SER B 312 -36.93 2.17 20.37
N ALA B 313 -36.17 1.15 20.79
CA ALA B 313 -35.09 1.26 21.80
C ALA B 313 -33.94 2.11 21.24
N ILE B 314 -33.74 2.05 19.92
CA ILE B 314 -32.64 2.77 19.21
C ILE B 314 -33.02 4.24 19.08
N ASP B 315 -34.23 4.54 18.60
CA ASP B 315 -34.67 5.93 18.32
C ASP B 315 -34.70 6.72 19.62
N SER B 316 -34.95 6.06 20.75
CA SER B 316 -34.89 6.65 22.11
C SER B 316 -33.47 7.10 22.42
N MSE B 317 -32.52 6.18 22.30
CA MSE B 317 -31.13 6.45 22.68
C MSE B 317 -30.49 7.38 21.65
O MSE B 317 -29.62 8.17 22.01
CB MSE B 317 -30.33 5.14 22.82
CG MSE B 317 -30.14 4.39 21.54
SE MSE B 317 -28.46 4.92 20.68
CE MSE B 317 -27.04 3.76 21.35
N LEU B 318 -30.94 7.31 20.39
CA LEU B 318 -30.43 8.23 19.37
C LEU B 318 -30.69 9.66 19.81
N ARG B 319 -31.95 9.98 20.09
CA ARG B 319 -32.38 11.32 20.56
C ARG B 319 -31.54 11.73 21.77
N GLU B 320 -31.30 10.79 22.68
CA GLU B 320 -30.66 11.04 23.99
C GLU B 320 -29.20 10.63 23.92
N SER B 321 -28.73 10.24 22.74
CA SER B 321 -27.29 10.00 22.41
C SER B 321 -26.74 11.16 21.57
N LEU B 322 -27.63 12.04 21.07
CA LEU B 322 -27.30 13.15 20.13
C LEU B 322 -27.77 14.50 20.74
N PRO B 323 -26.91 15.23 21.52
CA PRO B 323 -27.24 16.59 22.02
C PRO B 323 -27.65 17.53 20.89
N PHE B 324 -28.54 18.48 21.18
CA PHE B 324 -29.07 19.44 20.17
C PHE B 324 -29.48 18.65 18.91
N TYR B 325 -30.03 17.47 19.15
CA TYR B 325 -30.53 16.51 18.13
C TYR B 325 -31.35 17.25 17.09
N SER B 326 -32.29 18.08 17.56
CA SER B 326 -33.35 18.71 16.75
C SER B 326 -32.74 19.72 15.78
N LEU B 327 -31.70 20.44 16.21
CA LEU B 327 -31.06 21.52 15.43
C LEU B 327 -30.54 20.96 14.12
N ARG B 328 -30.06 19.71 14.15
CA ARG B 328 -29.42 19.06 12.98
C ARG B 328 -30.43 18.95 11.85
N THR B 329 -31.70 18.73 12.19
CA THR B 329 -32.79 18.47 11.21
C THR B 329 -33.60 19.76 10.97
N GLU B 330 -33.63 20.69 11.94
CA GLU B 330 -34.61 21.82 11.89
C GLU B 330 -34.01 23.01 11.08
N ARG B 331 -32.77 23.42 11.35
CA ARG B 331 -32.18 24.54 10.57
C ARG B 331 -30.86 24.12 9.89
N ASN B 332 -30.66 22.80 9.74
CA ASN B 332 -29.51 22.20 9.01
C ASN B 332 -28.20 22.70 9.61
N LEU B 333 -28.01 22.52 10.90
CA LEU B 333 -26.80 22.97 11.62
C LEU B 333 -26.03 21.74 12.11
N LEU B 334 -24.71 21.84 12.13
CA LEU B 334 -23.82 20.78 12.62
C LEU B 334 -23.22 21.23 13.93
N VAL B 335 -23.87 20.89 15.04
CA VAL B 335 -23.31 21.09 16.39
C VAL B 335 -22.37 19.93 16.69
N GLN B 336 -21.28 20.23 17.36
CA GLN B 336 -20.26 19.25 17.77
C GLN B 336 -19.60 19.79 19.03
N GLU B 337 -19.03 18.94 19.86
CA GLU B 337 -18.37 19.37 21.10
C GLU B 337 -17.09 20.10 20.76
N GLY B 338 -16.67 21.02 21.63
CA GLY B 338 -15.38 21.71 21.54
C GLY B 338 -14.56 21.48 22.79
N GLU B 339 -13.36 22.05 22.84
CA GLU B 339 -12.50 21.99 24.05
C GLU B 339 -13.30 22.48 25.25
N GLU B 340 -14.05 23.57 25.05
CA GLU B 340 -15.07 24.06 26.01
C GLU B 340 -16.29 24.55 25.23
N GLY B 341 -17.48 24.25 25.75
CA GLY B 341 -18.76 24.58 25.12
C GLY B 341 -19.07 23.69 23.95
N PHE B 342 -19.75 24.24 22.94
CA PHE B 342 -20.11 23.55 21.68
C PHE B 342 -19.69 24.42 20.50
N GLU B 343 -19.91 23.93 19.30
CA GLU B 343 -19.61 24.62 18.03
C GLU B 343 -20.67 24.26 17.02
N VAL B 344 -21.37 25.24 16.46
CA VAL B 344 -22.42 25.03 15.44
C VAL B 344 -21.90 25.50 14.09
N ARG B 345 -22.09 24.68 13.05
CA ARG B 345 -21.75 25.02 11.64
C ARG B 345 -22.95 24.70 10.74
N SER B 346 -23.04 25.39 9.62
CA SER B 346 -24.10 25.23 8.58
C SER B 346 -23.93 23.88 7.90
N TRP B 347 -25.00 23.25 7.40
CA TRP B 347 -24.87 21.98 6.61
C TRP B 347 -23.94 22.23 5.43
N PRO B 348 -24.29 23.16 4.51
CA PRO B 348 -23.38 23.55 3.46
C PRO B 348 -22.15 24.22 4.05
N GLY B 349 -20.97 23.73 3.76
CA GLY B 349 -19.73 24.29 4.31
C GLY B 349 -19.58 25.76 3.94
N ILE B 350 -19.16 26.59 4.89
CA ILE B 350 -18.86 28.05 4.71
C ILE B 350 -17.33 28.23 4.67
N ASP B 351 -16.60 27.10 4.74
CA ASP B 351 -15.10 27.01 4.79
C ASP B 351 -14.61 27.34 6.24
N GLY B 352 -15.55 27.39 7.21
CA GLY B 352 -15.24 27.25 8.67
C GLY B 352 -15.32 28.57 9.42
N LYS B 353 -16.37 28.77 10.21
CA LYS B 353 -16.45 29.79 11.30
C LYS B 353 -17.54 29.37 12.28
N SER B 354 -17.25 28.32 13.05
CA SER B 354 -18.16 27.68 14.02
C SER B 354 -18.59 28.72 15.07
N LYS B 355 -19.90 28.99 15.19
CA LYS B 355 -20.47 29.75 16.34
C LYS B 355 -20.44 28.86 17.57
N THR B 356 -20.26 29.43 18.75
CA THR B 356 -20.21 28.67 20.03
C THR B 356 -21.52 28.77 20.82
N ILE B 357 -21.77 27.75 21.64
CA ILE B 357 -22.99 27.63 22.49
C ILE B 357 -22.67 27.16 23.92
N LEU B 358 -21.98 27.96 24.72
CA LEU B 358 -21.48 27.52 26.05
C LEU B 358 -22.61 27.59 27.07
N LEU B 359 -22.60 26.67 28.03
CA LEU B 359 -23.58 26.57 29.13
C LEU B 359 -22.84 26.68 30.47
N ASP B 360 -23.57 26.89 31.57
CA ASP B 360 -23.01 26.83 32.95
C ASP B 360 -22.50 25.41 33.20
N ASN B 361 -23.29 24.41 32.75
CA ASN B 361 -22.93 22.96 32.79
C ASN B 361 -23.32 22.31 31.44
N PRO B 362 -22.31 21.97 30.56
CA PRO B 362 -22.55 21.31 29.26
C PRO B 362 -23.21 19.93 29.36
N GLU B 363 -23.23 19.38 30.57
CA GLU B 363 -23.65 17.99 30.85
C GLU B 363 -25.17 17.92 31.00
N ASP B 364 -25.80 18.99 31.50
CA ASP B 364 -27.24 18.99 31.90
C ASP B 364 -28.11 18.89 30.64
N ALA B 365 -29.06 17.95 30.63
CA ALA B 365 -29.98 17.68 29.51
C ALA B 365 -31.11 18.73 29.50
N ALA B 366 -31.41 19.31 30.66
CA ALA B 366 -32.36 20.43 30.85
C ALA B 366 -31.85 21.66 30.10
N GLN B 367 -30.60 22.04 30.38
CA GLN B 367 -29.91 23.22 29.81
C GLN B 367 -29.87 23.09 28.29
N GLN B 368 -29.40 21.93 27.81
CA GLN B 368 -29.26 21.58 26.38
C GLN B 368 -30.62 21.67 25.70
N LYS B 369 -31.69 21.40 26.44
CA LYS B 369 -33.09 21.49 25.95
C LYS B 369 -33.50 22.95 25.83
N SER B 370 -33.28 23.72 26.90
CA SER B 370 -33.74 25.13 27.04
C SER B 370 -33.11 25.97 25.93
N ILE B 371 -31.78 26.01 25.87
CA ILE B 371 -31.04 26.71 24.78
C ILE B 371 -31.58 26.20 23.45
N GLU B 372 -31.90 24.90 23.37
CA GLU B 372 -32.30 24.20 22.12
C GLU B 372 -33.62 24.74 21.56
N ARG B 373 -34.70 24.60 22.35
CA ARG B 373 -36.03 25.18 22.05
C ARG B 373 -35.88 26.67 21.87
N PHE B 374 -35.17 27.31 22.80
CA PHE B 374 -34.88 28.76 22.77
C PHE B 374 -34.38 29.17 21.41
N ILE B 375 -33.30 28.56 20.88
CA ILE B 375 -32.65 29.14 19.68
C ILE B 375 -33.48 28.80 18.43
N LEU B 376 -33.99 27.58 18.30
CA LEU B 376 -34.84 27.15 17.14
C LEU B 376 -35.95 28.18 16.90
N ALA B 377 -36.77 28.41 17.92
CA ALA B 377 -37.86 29.41 17.91
C ALA B 377 -37.29 30.77 17.53
N ASN B 378 -36.11 31.13 18.10
CA ASN B 378 -35.59 32.53 18.03
C ASN B 378 -34.98 32.88 16.65
N PHE B 379 -33.96 32.14 16.19
CA PHE B 379 -33.37 32.35 14.83
C PHE B 379 -33.64 31.14 13.97
N ASP B 380 -33.57 31.31 12.65
CA ASP B 380 -33.97 30.28 11.66
C ASP B 380 -32.77 29.87 10.82
N ASN B 381 -31.74 30.71 10.80
CA ASN B 381 -30.52 30.54 9.99
C ASN B 381 -29.31 30.45 10.92
N PHE B 382 -28.18 30.12 10.30
CA PHE B 382 -26.83 30.26 10.90
C PHE B 382 -26.42 31.74 10.91
N GLU B 383 -26.83 32.50 9.88
CA GLU B 383 -26.53 33.95 9.75
C GLU B 383 -27.25 34.74 10.84
N GLN B 384 -28.44 34.28 11.23
CA GLN B 384 -29.24 34.90 12.31
C GLN B 384 -28.48 34.76 13.63
N MSE B 385 -27.65 33.71 13.73
CA MSE B 385 -27.06 33.33 15.00
C MSE B 385 -26.04 34.38 15.46
O MSE B 385 -25.48 35.12 14.65
CB MSE B 385 -26.41 31.95 14.91
CG MSE B 385 -26.53 31.13 16.16
SE MSE B 385 -27.47 29.48 15.77
CE MSE B 385 -28.19 29.73 13.97
N PRO B 386 -25.80 34.46 16.79
CA PRO B 386 -24.81 35.38 17.36
C PRO B 386 -23.40 34.81 17.25
N ASP B 387 -22.37 35.59 17.56
CA ASP B 387 -20.97 35.10 17.52
C ASP B 387 -20.87 33.91 18.47
N GLU B 388 -21.59 33.98 19.57
CA GLU B 388 -21.62 32.95 20.62
C GLU B 388 -22.83 33.26 21.52
N LEU B 389 -23.65 32.25 21.81
CA LEU B 389 -24.70 32.31 22.85
C LEU B 389 -24.19 31.66 24.11
N PHE B 390 -24.68 32.10 25.27
CA PHE B 390 -24.25 31.63 26.62
C PHE B 390 -25.46 31.48 27.51
N LEU B 391 -25.62 30.31 28.11
CA LEU B 391 -26.74 30.00 29.05
C LEU B 391 -26.20 29.95 30.47
N VAL B 392 -26.45 31.00 31.25
CA VAL B 392 -26.05 31.09 32.68
C VAL B 392 -27.31 31.31 33.53
N ASP B 393 -27.59 30.38 34.45
CA ASP B 393 -28.57 30.54 35.56
C ASP B 393 -29.91 31.11 35.03
N ASN B 394 -30.38 30.58 33.90
CA ASN B 394 -31.67 30.96 33.26
C ASN B 394 -31.54 32.32 32.54
N LYS B 395 -30.44 33.04 32.74
CA LYS B 395 -30.13 34.25 31.93
C LYS B 395 -29.29 33.84 30.73
N VAL B 396 -29.74 34.20 29.54
CA VAL B 396 -29.10 33.85 28.25
C VAL B 396 -28.39 35.10 27.72
N LEU B 397 -27.06 35.08 27.64
CA LEU B 397 -26.26 36.19 27.06
C LEU B 397 -26.17 35.99 25.55
N SER B 398 -25.58 36.96 24.86
CA SER B 398 -25.37 36.98 23.38
C SER B 398 -24.24 37.94 23.03
N HIS B 399 -23.55 37.69 21.93
CA HIS B 399 -22.32 38.42 21.55
C HIS B 399 -22.33 38.73 20.06
N HIS B 400 -23.22 39.63 19.63
CA HIS B 400 -23.22 40.24 18.27
C HIS B 400 -21.95 41.03 17.94
N ASP B 401 -21.72 42.09 18.70
CA ASP B 401 -20.57 43.02 18.53
C ASP B 401 -20.05 43.36 19.92
N GLY B 402 -20.95 43.32 20.88
CA GLY B 402 -20.70 43.37 22.33
C GLY B 402 -21.68 42.46 23.04
N ARG B 403 -21.39 42.09 24.28
CA ARG B 403 -22.26 41.19 25.09
C ARG B 403 -23.68 41.76 25.10
N THR B 404 -24.70 40.93 24.91
CA THR B 404 -26.11 41.38 24.79
C THR B 404 -27.04 40.46 25.60
N ARG B 405 -27.16 40.67 26.93
CA ARG B 405 -28.12 39.89 27.78
C ARG B 405 -29.51 39.94 27.14
N ILE B 406 -30.14 38.79 26.84
CA ILE B 406 -31.27 38.79 25.85
C ILE B 406 -32.52 38.05 26.35
N ILE B 407 -32.54 37.42 27.52
CA ILE B 407 -33.79 36.72 27.97
C ILE B 407 -33.82 36.59 29.46
N ALA B 408 -35.00 36.37 30.02
CA ALA B 408 -35.20 36.05 31.45
C ALA B 408 -35.99 34.75 31.54
N GLN B 409 -36.00 34.12 32.70
CA GLN B 409 -36.69 32.84 32.85
C GLN B 409 -37.43 32.81 34.18
N LYS B 410 -38.43 33.68 34.36
CA LYS B 410 -39.47 33.48 35.40
C LYS B 410 -40.26 32.23 35.03
N GLU B 411 -40.79 32.24 33.82
CA GLU B 411 -41.58 31.15 33.23
C GLU B 411 -41.15 30.95 31.76
N ASP B 412 -41.35 31.97 30.92
CA ASP B 412 -40.98 31.96 29.48
C ASP B 412 -39.90 33.00 29.20
N GLY B 413 -39.97 34.16 29.88
CA GLY B 413 -38.94 35.23 29.78
C GLY B 413 -39.20 36.19 28.63
N ALA B 414 -39.35 37.48 28.96
CA ALA B 414 -39.41 38.63 28.02
C ALA B 414 -38.00 38.94 27.50
N TRP B 415 -37.91 39.51 26.29
CA TRP B 415 -36.61 39.86 25.66
C TRP B 415 -35.98 41.03 26.42
N THR B 416 -34.66 41.23 26.25
CA THR B 416 -33.79 42.22 26.95
C THR B 416 -34.38 42.51 28.34
#